data_6YUB
#
_entry.id   6YUB
#
_cell.length_a   64.750
_cell.length_b   74.170
_cell.length_c   103.660
_cell.angle_alpha   90.000
_cell.angle_beta   106.360
_cell.angle_gamma   90.000
#
_symmetry.space_group_name_H-M   'P 1 21 1'
#
loop_
_entity.id
_entity.type
_entity.pdbx_description
1 polymer 'Adenylyltransferase and sulfurtransferase uba4'
2 polymer 'Adenylyltransferase and sulfurtransferase uba4'
3 polymer 'Adenylyltransferase and sulfurtransferase uba4'
4 non-polymer 'ZINC ION'
5 water water
#
loop_
_entity_poly.entity_id
_entity_poly.type
_entity_poly.pdbx_seq_one_letter_code
_entity_poly.pdbx_strand_id
1 'polypeptide(L)'
;STQKSLSKEEIERYSRQMIVPGMGKEGQLRLMNAKVLIIGAGGLGCPAAQYLAGAGVGTIGIVDGDSVETSNLHRQVAHA
TKRVGMLKVDSLITHLIEINPLPVYVPYRFDLTPQNAAQIIKPWDVILDCTDNPATRYLISDVCVLLGKPLVSAASVQKS
GQLIVLNCPPTPQGVVNKKAAPCYRCCFKKPPPPSAQTSCGEAGIMGPVVGMMGVAQAGEAIKILVSQLHMPPKEGEEVS
PEKNLVQPTLLIYTYDLNSAIGPYSFRALKMGGRKKDCFACGENSTLTLDGIKSGNPNYVQFCGNMTQSTNLAPEDRITA
TAYNEKRRNGELGEHILLDTREKEHFSFGSIPGAVNVPFSKFLVKASSIKREGNSPAELLPMQPASDEAPIVVVCRRGQD
SQEVVEKLKELGLDNGGKRKIMDIVGGMKAWRDEVDPDFPFI
;
A
2 'polypeptide(L)'
;GSTQKSLSKEEIERYSRQMIVPGMGKEGQLRLMNAKVLIIGAGGLGCPAAQYLAGAGVGTIGIVDGDSVETSNLHRQVAH
ATKRVGMLKVDSLITHLIEINPLPVYVPYRFDLTPQNAAQIIKPWDVILDCTDNPATRYLISDVCVLLGKPLVSAASVQK
SGQLIVLNCPPTPQGVVNKKAAPCYRCCFKKPPPPSAQTSCGEAGIMGPVVGMMGVAQAGEAIKILVSQLHMPPKEGEEV
SPEKNLVQPTLLIYTYDLNSAIGPYSFRALKMGGRKKDCFACGENSTLTLDGIKSGNPNYVQF
;
B
3 'polypeptide(L)'
;DRITATAYNEKRRNGELGEHILLDTREKEHFSFGSIPGAVNVPFSKFLVKASSIKREGNSPAELLPMQPASDEAPIVVVC
RRGQDSQEVVEKLKELGLDNGGKRKIMDIVGGMKAWRDEVDPDFPFI
;
C
#
loop_
_chem_comp.id
_chem_comp.type
_chem_comp.name
_chem_comp.formula
ZN non-polymer 'ZINC ION' 'Zn 2'
#
# COMPACT_ATOMS: atom_id res chain seq x y z
N SER A 1 -26.74 6.25 -19.40
CA SER A 1 -26.62 6.39 -17.95
C SER A 1 -25.15 6.56 -17.55
N THR A 2 -24.28 5.84 -18.24
CA THR A 2 -22.85 5.89 -17.95
C THR A 2 -22.33 7.32 -18.11
N GLN A 3 -21.69 7.82 -17.06
CA GLN A 3 -21.12 9.17 -17.09
C GLN A 3 -19.80 9.16 -17.84
N LYS A 4 -19.66 10.05 -18.81
CA LYS A 4 -18.52 10.06 -19.71
C LYS A 4 -17.67 11.32 -19.63
N SER A 5 -18.08 12.33 -18.86
CA SER A 5 -17.32 13.57 -18.76
C SER A 5 -17.40 14.09 -17.33
N LEU A 6 -16.52 15.04 -17.02
CA LEU A 6 -16.44 15.63 -15.69
C LEU A 6 -16.97 17.06 -15.72
N SER A 7 -17.66 17.46 -14.65
CA SER A 7 -18.10 18.82 -14.47
C SER A 7 -17.00 19.64 -13.82
N LYS A 8 -17.23 20.96 -13.71
CA LYS A 8 -16.24 21.83 -13.08
C LYS A 8 -16.10 21.51 -11.60
N GLU A 9 -17.21 21.18 -10.91
CA GLU A 9 -17.13 20.86 -9.50
C GLU A 9 -16.36 19.57 -9.27
N GLU A 10 -16.57 18.56 -10.12
CA GLU A 10 -15.88 17.29 -9.95
C GLU A 10 -14.40 17.41 -10.26
N ILE A 11 -14.04 18.24 -11.24
CA ILE A 11 -12.63 18.46 -11.55
C ILE A 11 -11.92 19.08 -10.35
N GLU A 12 -12.57 20.01 -9.65
CA GLU A 12 -11.98 20.61 -8.47
C GLU A 12 -11.78 19.56 -7.37
N ARG A 13 -12.84 18.80 -7.07
CA ARG A 13 -12.78 17.87 -5.94
C ARG A 13 -11.75 16.77 -6.17
N TYR A 14 -11.62 16.32 -7.42
CA TYR A 14 -10.82 15.13 -7.72
C TYR A 14 -9.51 15.45 -8.43
N SER A 15 -9.17 16.73 -8.60
CA SER A 15 -7.99 17.09 -9.37
C SER A 15 -6.72 16.45 -8.81
N ARG A 16 -6.49 16.58 -7.51
CA ARG A 16 -5.25 16.10 -6.90
C ARG A 16 -5.20 14.58 -6.80
N GLN A 17 -6.31 13.89 -7.05
CA GLN A 17 -6.33 12.43 -7.10
C GLN A 17 -6.14 11.91 -8.53
N MET A 18 -6.56 12.67 -9.53
CA MET A 18 -6.45 12.23 -10.91
C MET A 18 -5.03 12.31 -11.44
N ILE A 19 -4.18 13.15 -10.87
CA ILE A 19 -2.80 13.24 -11.34
C ILE A 19 -1.96 12.06 -10.88
N VAL A 20 -2.48 11.21 -9.99
CA VAL A 20 -1.76 10.00 -9.60
C VAL A 20 -1.54 9.14 -10.83
N PRO A 21 -0.31 8.69 -11.12
CA PRO A 21 -0.10 7.86 -12.31
C PRO A 21 -0.99 6.64 -12.31
N GLY A 22 -1.69 6.42 -13.42
CA GLY A 22 -2.63 5.33 -13.54
C GLY A 22 -4.07 5.66 -13.20
N MET A 23 -4.33 6.90 -12.79
CA MET A 23 -5.71 7.32 -12.43
C MET A 23 -6.33 8.17 -13.53
N GLY A 24 -6.02 9.45 -13.58
CA GLY A 24 -6.49 10.32 -14.62
C GLY A 24 -8.02 10.40 -14.67
N LYS A 25 -8.49 10.99 -15.77
CA LYS A 25 -9.92 11.12 -16.00
C LYS A 25 -10.57 9.76 -16.16
N GLU A 26 -9.89 8.83 -16.84
CA GLU A 26 -10.45 7.50 -17.08
C GLU A 26 -10.61 6.75 -15.77
N GLY A 27 -9.59 6.79 -14.91
CA GLY A 27 -9.69 6.14 -13.61
C GLY A 27 -10.78 6.75 -12.74
N GLN A 28 -10.96 8.07 -12.84
CA GLN A 28 -11.97 8.74 -12.02
C GLN A 28 -13.37 8.35 -12.48
N LEU A 29 -13.62 8.38 -13.79
CA LEU A 29 -14.93 7.98 -14.30
C LEU A 29 -15.25 6.53 -13.95
N ARG A 30 -14.24 5.67 -13.91
CA ARG A 30 -14.49 4.27 -13.54
C ARG A 30 -14.95 4.17 -12.09
N LEU A 31 -14.40 5.01 -11.20
CA LEU A 31 -14.89 5.04 -9.83
C LEU A 31 -16.32 5.57 -9.76
N MET A 32 -16.61 6.65 -10.49
CA MET A 32 -17.92 7.29 -10.39
C MET A 32 -19.02 6.48 -11.06
N ASN A 33 -18.66 5.57 -11.96
CA ASN A 33 -19.63 4.67 -12.58
C ASN A 33 -19.72 3.32 -11.87
N ALA A 34 -19.00 3.15 -10.76
CA ALA A 34 -18.92 1.87 -10.08
C ALA A 34 -19.93 1.80 -8.93
N LYS A 35 -20.25 0.56 -8.55
CA LYS A 35 -21.13 0.30 -7.41
C LYS A 35 -20.41 -0.66 -6.47
N VAL A 36 -20.17 -0.21 -5.24
CA VAL A 36 -19.46 -1.01 -4.24
C VAL A 36 -20.39 -1.25 -3.06
N LEU A 37 -20.42 -2.50 -2.58
CA LEU A 37 -21.23 -2.89 -1.43
C LEU A 37 -20.33 -3.14 -0.25
N ILE A 38 -20.67 -2.55 0.89
CA ILE A 38 -19.92 -2.71 2.14
C ILE A 38 -20.86 -3.38 3.12
N ILE A 39 -20.53 -4.61 3.52
CA ILE A 39 -21.33 -5.37 4.47
C ILE A 39 -20.67 -5.24 5.83
N GLY A 40 -21.29 -4.47 6.72
CA GLY A 40 -20.72 -4.19 8.02
C GLY A 40 -20.31 -2.73 8.15
N ALA A 41 -20.93 -2.01 9.08
CA ALA A 41 -20.69 -0.58 9.26
C ALA A 41 -19.98 -0.29 10.58
N GLY A 42 -19.00 -1.11 10.93
CA GLY A 42 -18.29 -0.99 12.19
C GLY A 42 -16.81 -0.72 12.04
N GLY A 43 -15.99 -1.46 12.79
CA GLY A 43 -14.56 -1.19 12.79
C GLY A 43 -13.93 -1.28 11.42
N LEU A 44 -14.30 -2.29 10.64
CA LEU A 44 -13.78 -2.43 9.29
C LEU A 44 -14.53 -1.54 8.31
N GLY A 45 -15.85 -1.42 8.49
CA GLY A 45 -16.66 -0.73 7.50
C GLY A 45 -16.48 0.77 7.50
N CYS A 46 -16.23 1.37 8.67
CA CYS A 46 -16.11 2.82 8.75
C CYS A 46 -14.90 3.32 7.96
N PRO A 47 -13.68 2.88 8.26
CA PRO A 47 -12.55 3.36 7.44
C PRO A 47 -12.69 3.03 5.97
N ALA A 48 -13.13 1.81 5.64
CA ALA A 48 -13.30 1.44 4.24
C ALA A 48 -14.21 2.43 3.52
N ALA A 49 -15.37 2.75 4.13
CA ALA A 49 -16.32 3.64 3.50
C ALA A 49 -15.77 5.07 3.41
N GLN A 50 -15.14 5.55 4.47
CA GLN A 50 -14.58 6.89 4.45
C GLN A 50 -13.76 7.13 3.20
N TYR A 51 -12.83 6.21 2.89
CA TYR A 51 -11.91 6.44 1.79
C TYR A 51 -12.50 6.10 0.42
N LEU A 52 -13.51 5.24 0.36
CA LEU A 52 -14.21 5.05 -0.90
C LEU A 52 -15.13 6.23 -1.20
N ALA A 53 -15.74 6.80 -0.17
CA ALA A 53 -16.56 7.99 -0.37
C ALA A 53 -15.71 9.17 -0.84
N GLY A 54 -14.57 9.39 -0.18
CA GLY A 54 -13.70 10.49 -0.58
C GLY A 54 -13.20 10.33 -2.00
N ALA A 55 -12.82 9.11 -2.38
CA ALA A 55 -12.31 8.87 -3.72
C ALA A 55 -13.35 9.08 -4.79
N GLY A 56 -14.63 9.05 -4.44
CA GLY A 56 -15.69 9.31 -5.39
C GLY A 56 -16.32 8.10 -6.01
N VAL A 57 -16.35 6.96 -5.32
CA VAL A 57 -17.11 5.82 -5.81
C VAL A 57 -18.56 6.24 -6.00
N GLY A 58 -19.09 6.00 -7.20
CA GLY A 58 -20.37 6.59 -7.56
C GLY A 58 -21.51 6.15 -6.67
N THR A 59 -21.57 4.86 -6.36
CA THR A 59 -22.65 4.31 -5.54
C THR A 59 -22.04 3.43 -4.47
N ILE A 60 -22.41 3.68 -3.21
CA ILE A 60 -21.89 2.96 -2.07
C ILE A 60 -23.07 2.39 -1.29
N GLY A 61 -23.11 1.07 -1.18
CA GLY A 61 -24.13 0.40 -0.39
C GLY A 61 -23.54 -0.09 0.92
N ILE A 62 -24.35 0.00 1.99
CA ILE A 62 -23.90 -0.33 3.33
C ILE A 62 -24.97 -1.21 3.98
N VAL A 63 -24.54 -2.36 4.48
CA VAL A 63 -25.46 -3.35 5.08
C VAL A 63 -25.11 -3.48 6.55
N ASP A 64 -26.08 -3.21 7.42
CA ASP A 64 -25.91 -3.39 8.86
C ASP A 64 -27.25 -3.17 9.55
N GLY A 65 -27.50 -3.95 10.59
CA GLY A 65 -28.75 -3.85 11.34
C GLY A 65 -28.55 -3.43 12.78
N ASP A 66 -27.30 -3.34 13.22
CA ASP A 66 -27.01 -2.96 14.59
C ASP A 66 -26.93 -1.43 14.72
N SER A 67 -26.84 -0.97 15.96
CA SER A 67 -26.87 0.45 16.29
C SER A 67 -25.55 0.90 16.88
N VAL A 68 -25.36 2.23 16.92
CA VAL A 68 -24.14 2.82 17.45
C VAL A 68 -24.15 2.74 18.97
N GLU A 69 -23.04 2.26 19.53
CA GLU A 69 -22.88 2.12 20.97
C GLU A 69 -21.62 2.84 21.42
N THR A 70 -21.68 3.40 22.63
CA THR A 70 -20.54 4.14 23.16
C THR A 70 -19.30 3.27 23.26
N SER A 71 -19.47 1.99 23.60
CA SER A 71 -18.33 1.12 23.85
C SER A 71 -17.57 0.75 22.58
N ASN A 72 -18.10 1.06 21.40
CA ASN A 72 -17.45 0.72 20.16
C ASN A 72 -16.88 1.94 19.43
N LEU A 73 -17.08 3.16 19.97
CA LEU A 73 -16.60 4.36 19.28
C LEU A 73 -15.08 4.40 19.19
N HIS A 74 -14.39 3.73 20.12
CA HIS A 74 -12.92 3.74 20.09
C HIS A 74 -12.36 3.17 18.80
N ARG A 75 -13.13 2.32 18.11
CA ARG A 75 -12.68 1.72 16.86
C ARG A 75 -13.58 2.03 15.67
N GLN A 76 -14.76 2.60 15.90
CA GLN A 76 -15.71 2.94 14.83
C GLN A 76 -15.72 4.46 14.71
N VAL A 77 -14.65 4.99 14.11
CA VAL A 77 -14.38 6.42 14.17
C VAL A 77 -15.19 7.25 13.19
N ALA A 78 -16.04 6.62 12.39
CA ALA A 78 -16.98 7.36 11.54
C ALA A 78 -18.26 7.72 12.26
N HIS A 79 -18.50 7.15 13.43
CA HIS A 79 -19.69 7.44 14.22
C HIS A 79 -19.40 8.58 15.19
N ALA A 80 -20.48 9.13 15.75
CA ALA A 80 -20.39 10.25 16.68
C ALA A 80 -21.05 9.89 17.99
N THR A 81 -20.52 10.46 19.08
CA THR A 81 -21.15 10.27 20.39
C THR A 81 -22.60 10.75 20.37
N LYS A 82 -22.87 11.85 19.66
CA LYS A 82 -24.23 12.35 19.55
C LYS A 82 -25.15 11.38 18.83
N ARG A 83 -24.59 10.44 18.04
CA ARG A 83 -25.38 9.51 17.25
C ARG A 83 -25.42 8.12 17.87
N VAL A 84 -25.06 7.98 19.15
CA VAL A 84 -25.29 6.73 19.86
C VAL A 84 -26.79 6.45 19.90
N GLY A 85 -27.16 5.20 19.61
CA GLY A 85 -28.54 4.80 19.53
C GLY A 85 -29.09 4.76 18.11
N MET A 86 -28.45 5.48 17.19
CA MET A 86 -28.85 5.46 15.78
C MET A 86 -28.32 4.19 15.12
N LEU A 87 -29.02 3.76 14.08
CA LEU A 87 -28.52 2.65 13.28
C LEU A 87 -27.14 3.00 12.72
N LYS A 88 -26.24 2.02 12.73
CA LYS A 88 -24.88 2.27 12.25
C LYS A 88 -24.92 2.79 10.82
N VAL A 89 -25.70 2.17 9.94
CA VAL A 89 -25.72 2.57 8.55
C VAL A 89 -26.17 4.02 8.41
N ASP A 90 -27.18 4.43 9.20
CA ASP A 90 -27.61 5.82 9.17
C ASP A 90 -26.55 6.74 9.73
N SER A 91 -25.87 6.32 10.79
CA SER A 91 -24.79 7.12 11.35
C SER A 91 -23.63 7.26 10.37
N LEU A 92 -23.27 6.16 9.69
CA LEU A 92 -22.12 6.19 8.79
C LEU A 92 -22.38 7.07 7.58
N ILE A 93 -23.56 6.94 6.96
CA ILE A 93 -23.86 7.73 5.76
C ILE A 93 -23.84 9.21 6.10
N THR A 94 -24.30 9.58 7.30
CA THR A 94 -24.25 10.97 7.71
C THR A 94 -22.83 11.52 7.62
N HIS A 95 -21.85 10.73 8.06
CA HIS A 95 -20.46 11.15 7.99
C HIS A 95 -19.94 11.13 6.56
N LEU A 96 -20.34 10.11 5.77
CA LEU A 96 -19.87 10.03 4.40
C LEU A 96 -20.36 11.20 3.57
N ILE A 97 -21.59 11.64 3.80
CA ILE A 97 -22.11 12.81 3.10
C ILE A 97 -21.27 14.03 3.41
N GLU A 98 -20.82 14.17 4.66
CA GLU A 98 -19.97 15.29 5.03
C GLU A 98 -18.66 15.26 4.26
N ILE A 99 -18.04 14.07 4.13
CA ILE A 99 -16.82 13.95 3.35
C ILE A 99 -17.08 14.30 1.88
N ASN A 100 -18.13 13.72 1.31
CA ASN A 100 -18.40 13.87 -0.12
C ASN A 100 -19.88 13.65 -0.40
N PRO A 101 -20.63 14.68 -0.76
CA PRO A 101 -22.07 14.51 -1.01
C PRO A 101 -22.40 14.03 -2.41
N LEU A 102 -21.42 13.83 -3.28
CA LEU A 102 -21.70 13.51 -4.67
C LEU A 102 -22.11 12.06 -4.90
N PRO A 103 -21.56 11.10 -4.17
CA PRO A 103 -21.97 9.71 -4.37
C PRO A 103 -23.38 9.45 -3.89
N VAL A 104 -23.98 8.39 -4.44
CA VAL A 104 -25.29 7.92 -4.00
C VAL A 104 -25.08 6.84 -2.95
N TYR A 105 -25.65 7.05 -1.77
CA TYR A 105 -25.51 6.13 -0.65
C TYR A 105 -26.80 5.34 -0.47
N VAL A 106 -26.68 4.02 -0.38
CA VAL A 106 -27.83 3.13 -0.29
C VAL A 106 -27.75 2.35 1.02
N PRO A 107 -28.63 2.61 1.98
CA PRO A 107 -28.61 1.85 3.23
C PRO A 107 -29.43 0.57 3.15
N TYR A 108 -28.95 -0.44 3.87
CA TYR A 108 -29.69 -1.67 4.13
C TYR A 108 -29.79 -1.78 5.65
N ARG A 109 -30.94 -1.39 6.21
CA ARG A 109 -31.12 -1.32 7.65
C ARG A 109 -31.48 -2.69 8.23
N PHE A 110 -30.69 -3.71 7.86
CA PHE A 110 -30.88 -5.06 8.38
C PHE A 110 -29.59 -5.82 8.15
N ASP A 111 -29.51 -7.01 8.75
CA ASP A 111 -28.32 -7.84 8.65
C ASP A 111 -28.42 -8.80 7.48
N LEU A 112 -27.26 -9.17 6.94
CA LEU A 112 -27.20 -10.15 5.87
C LEU A 112 -27.49 -11.53 6.42
N THR A 113 -28.27 -12.29 5.67
CA THR A 113 -28.67 -13.64 6.07
C THR A 113 -28.60 -14.55 4.86
N PRO A 114 -28.57 -15.87 5.07
CA PRO A 114 -28.62 -16.79 3.92
C PRO A 114 -29.86 -16.62 3.09
N GLN A 115 -30.94 -16.06 3.66
CA GLN A 115 -32.17 -15.89 2.91
C GLN A 115 -32.16 -14.66 2.02
N ASN A 116 -31.39 -13.62 2.37
CA ASN A 116 -31.37 -12.39 1.61
C ASN A 116 -30.02 -12.09 0.97
N ALA A 117 -29.01 -12.95 1.18
CA ALA A 117 -27.66 -12.64 0.72
C ALA A 117 -27.62 -12.37 -0.78
N ALA A 118 -28.17 -13.30 -1.57
CA ALA A 118 -28.11 -13.16 -3.02
C ALA A 118 -28.83 -11.91 -3.49
N GLN A 119 -30.01 -11.64 -2.92
CA GLN A 119 -30.78 -10.47 -3.34
C GLN A 119 -30.00 -9.18 -3.09
N ILE A 120 -29.27 -9.10 -1.97
CA ILE A 120 -28.56 -7.88 -1.63
C ILE A 120 -27.32 -7.71 -2.50
N ILE A 121 -26.61 -8.80 -2.77
CA ILE A 121 -25.29 -8.70 -3.39
C ILE A 121 -25.37 -8.54 -4.90
N LYS A 122 -26.41 -9.09 -5.54
CA LYS A 122 -26.42 -9.20 -6.99
C LYS A 122 -26.21 -7.90 -7.73
N PRO A 123 -26.79 -6.76 -7.31
CA PRO A 123 -26.66 -5.54 -8.13
C PRO A 123 -25.29 -4.88 -8.11
N TRP A 124 -24.36 -5.33 -7.26
CA TRP A 124 -23.15 -4.57 -6.99
C TRP A 124 -21.93 -5.15 -7.69
N ASP A 125 -20.98 -4.27 -8.01
CA ASP A 125 -19.82 -4.64 -8.82
C ASP A 125 -18.75 -5.32 -7.97
N VAL A 126 -18.35 -4.68 -6.87
CA VAL A 126 -17.31 -5.19 -5.99
C VAL A 126 -17.91 -5.32 -4.59
N ILE A 127 -17.62 -6.45 -3.94
CA ILE A 127 -18.17 -6.75 -2.62
C ILE A 127 -17.06 -6.64 -1.59
N LEU A 128 -17.32 -5.91 -0.51
CA LEU A 128 -16.40 -5.79 0.61
C LEU A 128 -17.02 -6.46 1.83
N ASP A 129 -16.35 -7.49 2.33
CA ASP A 129 -16.77 -8.16 3.56
C ASP A 129 -16.14 -7.43 4.74
N CYS A 130 -16.92 -6.52 5.34
CA CYS A 130 -16.49 -5.81 6.53
C CYS A 130 -17.15 -6.35 7.78
N THR A 131 -17.69 -7.56 7.71
CA THR A 131 -18.14 -8.26 8.90
C THR A 131 -16.95 -8.89 9.59
N ASP A 132 -16.93 -8.81 10.91
CA ASP A 132 -15.97 -9.56 11.72
C ASP A 132 -16.59 -10.85 12.23
N ASN A 133 -17.28 -11.56 11.34
CA ASN A 133 -18.04 -12.75 11.71
C ASN A 133 -17.66 -13.90 10.77
N PRO A 134 -17.15 -15.02 11.30
CA PRO A 134 -16.78 -16.12 10.40
C PRO A 134 -17.95 -16.64 9.57
N ALA A 135 -19.08 -16.92 10.22
CA ALA A 135 -20.23 -17.48 9.51
C ALA A 135 -20.62 -16.61 8.34
N THR A 136 -20.75 -15.30 8.56
CA THR A 136 -21.12 -14.40 7.47
C THR A 136 -20.04 -14.37 6.40
N ARG A 137 -18.77 -14.49 6.78
CA ARG A 137 -17.69 -14.45 5.80
C ARG A 137 -17.78 -15.63 4.84
N TYR A 138 -18.03 -16.84 5.36
CA TYR A 138 -18.19 -17.99 4.48
C TYR A 138 -19.43 -17.84 3.59
N LEU A 139 -20.52 -17.29 4.14
CA LEU A 139 -21.73 -17.09 3.35
C LEU A 139 -21.49 -16.12 2.21
N ILE A 140 -20.78 -15.02 2.47
CA ILE A 140 -20.54 -14.03 1.43
C ILE A 140 -19.68 -14.63 0.30
N SER A 141 -18.62 -15.34 0.67
CA SER A 141 -17.75 -15.95 -0.34
C SER A 141 -18.54 -16.93 -1.21
N ASP A 142 -19.36 -17.77 -0.58
CA ASP A 142 -20.19 -18.71 -1.33
C ASP A 142 -21.06 -17.97 -2.34
N VAL A 143 -21.76 -16.93 -1.91
CA VAL A 143 -22.64 -16.20 -2.80
C VAL A 143 -21.85 -15.51 -3.90
N CYS A 144 -20.70 -14.92 -3.56
CA CYS A 144 -19.89 -14.25 -4.57
C CYS A 144 -19.41 -15.23 -5.63
N VAL A 145 -19.08 -16.45 -5.23
CA VAL A 145 -18.70 -17.46 -6.21
C VAL A 145 -19.88 -17.80 -7.12
N LEU A 146 -21.06 -17.99 -6.53
CA LEU A 146 -22.23 -18.36 -7.32
C LEU A 146 -22.71 -17.23 -8.22
N LEU A 147 -22.54 -15.98 -7.77
CA LEU A 147 -23.00 -14.82 -8.54
C LEU A 147 -21.88 -14.17 -9.36
N GLY A 148 -20.66 -14.69 -9.30
CA GLY A 148 -19.58 -14.13 -10.09
C GLY A 148 -19.19 -12.73 -9.68
N LYS A 149 -18.86 -12.54 -8.40
CA LYS A 149 -18.49 -11.24 -7.87
C LYS A 149 -17.08 -11.28 -7.29
N PRO A 150 -16.28 -10.23 -7.50
CA PRO A 150 -15.03 -10.12 -6.76
C PRO A 150 -15.27 -9.70 -5.33
N LEU A 151 -14.45 -10.22 -4.42
CA LEU A 151 -14.65 -10.05 -2.99
C LEU A 151 -13.35 -9.62 -2.33
N VAL A 152 -13.43 -8.56 -1.52
CA VAL A 152 -12.32 -8.10 -0.69
C VAL A 152 -12.74 -8.34 0.75
N SER A 153 -12.08 -9.28 1.41
CA SER A 153 -12.46 -9.72 2.74
C SER A 153 -11.40 -9.32 3.75
N ALA A 154 -11.85 -8.92 4.94
CA ALA A 154 -10.95 -8.56 6.03
C ALA A 154 -11.49 -9.10 7.33
N ALA A 155 -10.61 -9.25 8.31
CA ALA A 155 -10.99 -9.74 9.64
C ALA A 155 -9.98 -9.22 10.65
N SER A 156 -10.42 -9.15 11.90
CA SER A 156 -9.61 -8.60 12.97
C SER A 156 -9.83 -9.40 14.26
N VAL A 157 -8.78 -9.51 15.04
CA VAL A 157 -8.82 -10.16 16.35
C VAL A 157 -7.95 -9.35 17.30
N GLN A 158 -7.83 -9.86 18.53
CA GLN A 158 -7.11 -9.15 19.59
C GLN A 158 -5.76 -8.62 19.10
N LYS A 159 -4.96 -9.48 18.47
CA LYS A 159 -3.57 -9.14 18.18
C LYS A 159 -3.27 -9.04 16.69
N SER A 160 -4.21 -9.33 15.81
CA SER A 160 -3.89 -9.31 14.39
C SER A 160 -5.15 -9.13 13.56
N GLY A 161 -4.93 -8.70 12.32
CA GLY A 161 -5.99 -8.64 11.33
C GLY A 161 -5.47 -9.12 9.99
N GLN A 162 -6.39 -9.40 9.07
CA GLN A 162 -6.02 -9.95 7.78
C GLN A 162 -6.85 -9.34 6.67
N LEU A 163 -6.37 -9.51 5.44
CA LEU A 163 -7.00 -8.97 4.25
C LEU A 163 -6.62 -9.86 3.08
N ILE A 164 -7.58 -10.10 2.18
CA ILE A 164 -7.29 -10.91 1.00
C ILE A 164 -8.34 -10.60 -0.06
N VAL A 165 -7.90 -10.60 -1.32
CA VAL A 165 -8.78 -10.41 -2.47
C VAL A 165 -9.08 -11.78 -3.05
N LEU A 166 -10.38 -12.08 -3.21
CA LEU A 166 -10.82 -13.42 -3.59
C LEU A 166 -11.67 -13.35 -4.86
N ASN A 167 -11.60 -14.42 -5.65
CA ASN A 167 -12.44 -14.60 -6.83
C ASN A 167 -12.40 -13.36 -7.72
N CYS A 168 -11.19 -12.87 -7.99
CA CYS A 168 -11.00 -11.70 -8.83
C CYS A 168 -9.84 -11.93 -9.78
N PRO A 169 -10.07 -11.95 -11.12
CA PRO A 169 -11.39 -11.85 -11.76
C PRO A 169 -12.24 -13.08 -11.48
N PRO A 170 -13.56 -12.90 -11.37
CA PRO A 170 -14.42 -14.04 -11.02
C PRO A 170 -14.42 -15.11 -12.10
N THR A 171 -14.50 -16.37 -11.66
CA THR A 171 -14.58 -17.51 -12.54
C THR A 171 -15.75 -18.38 -12.11
N PRO A 172 -16.58 -18.85 -13.05
CA PRO A 172 -17.78 -19.61 -12.66
C PRO A 172 -17.46 -20.80 -11.77
N GLN A 173 -18.47 -21.21 -11.01
CA GLN A 173 -18.36 -22.39 -10.16
C GLN A 173 -18.09 -23.64 -11.00
N GLY A 174 -17.16 -24.45 -10.54
CA GLY A 174 -16.88 -25.73 -11.16
C GLY A 174 -15.82 -25.70 -12.25
N VAL A 175 -15.43 -24.51 -12.73
CA VAL A 175 -14.41 -24.43 -13.77
C VAL A 175 -13.04 -24.73 -13.16
N VAL A 176 -12.38 -25.77 -13.68
CA VAL A 176 -11.10 -26.20 -13.15
C VAL A 176 -10.11 -26.50 -14.28
N ASN A 177 -10.48 -26.14 -15.51
CA ASN A 177 -9.63 -26.37 -16.67
C ASN A 177 -8.75 -25.17 -16.99
N LYS A 178 -8.63 -24.21 -16.09
CA LYS A 178 -7.81 -23.03 -16.31
C LYS A 178 -7.43 -22.45 -14.95
N LYS A 179 -6.51 -21.49 -14.98
CA LYS A 179 -6.13 -20.79 -13.76
C LYS A 179 -7.29 -19.93 -13.27
N ALA A 180 -7.64 -20.08 -11.99
CA ALA A 180 -8.76 -19.36 -11.40
C ALA A 180 -8.40 -18.94 -9.98
N ALA A 181 -8.88 -17.77 -9.59
CA ALA A 181 -8.63 -17.27 -8.25
C ALA A 181 -9.35 -18.13 -7.22
N PRO A 182 -8.86 -18.15 -5.99
CA PRO A 182 -9.50 -18.95 -4.94
C PRO A 182 -10.69 -18.24 -4.32
N CYS A 183 -11.51 -19.02 -3.62
CA CYS A 183 -12.55 -18.49 -2.75
C CYS A 183 -12.08 -18.65 -1.31
N TYR A 184 -12.93 -18.22 -0.36
CA TYR A 184 -12.51 -18.26 1.03
C TYR A 184 -12.41 -19.69 1.55
N ARG A 185 -13.17 -20.62 0.99
CA ARG A 185 -13.04 -22.02 1.39
C ARG A 185 -11.75 -22.63 0.85
N CYS A 186 -11.39 -22.30 -0.39
CA CYS A 186 -10.11 -22.74 -0.94
C CYS A 186 -8.96 -22.35 -0.02
N CYS A 187 -9.08 -21.21 0.66
CA CYS A 187 -8.00 -20.67 1.48
C CYS A 187 -8.07 -21.13 2.93
N PHE A 188 -9.28 -21.19 3.50
CA PHE A 188 -9.47 -21.59 4.89
C PHE A 188 -10.59 -22.61 4.96
N LYS A 189 -10.24 -23.89 4.85
CA LYS A 189 -11.22 -24.95 5.07
C LYS A 189 -11.69 -24.89 6.52
N LYS A 190 -13.01 -24.90 6.72
CA LYS A 190 -13.58 -24.64 8.03
C LYS A 190 -12.93 -25.54 9.08
N PRO A 191 -12.68 -25.02 10.30
CA PRO A 191 -12.07 -25.84 11.36
C PRO A 191 -12.84 -27.12 11.65
N GLY A 204 -10.70 -8.70 23.03
CA GLY A 204 -10.87 -7.31 22.67
C GLY A 204 -10.37 -7.00 21.28
N ILE A 205 -10.37 -5.72 20.93
CA ILE A 205 -9.83 -5.27 19.65
C ILE A 205 -9.18 -3.91 19.87
N MET A 206 -8.07 -3.67 19.17
CA MET A 206 -7.41 -2.38 19.14
C MET A 206 -7.84 -1.65 17.87
N GLY A 207 -8.19 -0.38 18.01
CA GLY A 207 -8.66 0.41 16.90
C GLY A 207 -7.74 0.42 15.69
N PRO A 208 -6.45 0.70 15.93
CA PRO A 208 -5.51 0.72 14.79
C PRO A 208 -5.52 -0.56 13.97
N VAL A 209 -5.69 -1.72 14.61
CA VAL A 209 -5.63 -2.99 13.89
C VAL A 209 -6.77 -3.05 12.88
N VAL A 210 -8.01 -2.89 13.36
CA VAL A 210 -9.16 -2.98 12.47
C VAL A 210 -9.18 -1.79 11.51
N GLY A 211 -8.75 -0.62 11.98
CA GLY A 211 -8.66 0.53 11.09
C GLY A 211 -7.69 0.30 9.95
N MET A 212 -6.54 -0.33 10.24
CA MET A 212 -5.57 -0.63 9.19
C MET A 212 -6.19 -1.48 8.10
N MET A 213 -6.79 -2.62 8.46
CA MET A 213 -7.36 -3.51 7.45
C MET A 213 -8.48 -2.82 6.69
N GLY A 214 -9.26 -1.97 7.36
CA GLY A 214 -10.35 -1.30 6.68
C GLY A 214 -9.87 -0.34 5.61
N VAL A 215 -8.84 0.45 5.91
CA VAL A 215 -8.28 1.34 4.91
C VAL A 215 -7.69 0.53 3.76
N ALA A 216 -7.04 -0.59 4.07
CA ALA A 216 -6.47 -1.43 3.02
C ALA A 216 -7.57 -2.02 2.13
N GLN A 217 -8.74 -2.30 2.69
CA GLN A 217 -9.86 -2.77 1.87
C GLN A 217 -10.24 -1.74 0.82
N ALA A 218 -10.46 -0.50 1.23
CA ALA A 218 -10.76 0.56 0.27
C ALA A 218 -9.68 0.65 -0.79
N GLY A 219 -8.40 0.56 -0.37
CA GLY A 219 -7.31 0.59 -1.33
C GLY A 219 -7.44 -0.46 -2.41
N GLU A 220 -7.75 -1.70 -2.02
CA GLU A 220 -7.89 -2.76 -3.02
C GLU A 220 -9.08 -2.52 -3.92
N ALA A 221 -10.21 -2.11 -3.35
CA ALA A 221 -11.39 -1.83 -4.16
C ALA A 221 -11.10 -0.77 -5.21
N ILE A 222 -10.38 0.29 -4.82
CA ILE A 222 -10.04 1.34 -5.78
C ILE A 222 -9.19 0.78 -6.91
N LYS A 223 -8.19 -0.04 -6.56
CA LYS A 223 -7.34 -0.66 -7.57
C LYS A 223 -8.17 -1.48 -8.55
N ILE A 224 -9.10 -2.29 -8.03
CA ILE A 224 -9.88 -3.18 -8.89
C ILE A 224 -10.69 -2.37 -9.90
N LEU A 225 -11.33 -1.29 -9.44
CA LEU A 225 -12.18 -0.51 -10.33
C LEU A 225 -11.36 0.29 -11.33
N VAL A 226 -10.33 0.99 -10.85
CA VAL A 226 -9.56 1.87 -11.73
C VAL A 226 -8.85 1.07 -12.82
N SER A 227 -8.26 -0.06 -12.46
CA SER A 227 -7.53 -0.88 -13.42
C SER A 227 -8.36 -2.03 -13.98
N GLN A 228 -9.63 -2.13 -13.60
CA GLN A 228 -10.52 -3.17 -14.10
C GLN A 228 -9.92 -4.56 -13.90
N LEU A 229 -9.40 -4.78 -12.70
CA LEU A 229 -8.79 -6.06 -12.37
C LEU A 229 -9.81 -7.18 -12.30
N HIS A 230 -11.09 -6.84 -12.13
CA HIS A 230 -12.15 -7.85 -12.11
C HIS A 230 -12.66 -8.22 -13.49
N MET A 231 -12.06 -7.65 -14.58
CA MET A 231 -12.46 -8.03 -15.92
C MET A 231 -11.60 -9.19 -16.43
N PRO A 232 -12.13 -10.05 -17.29
CA PRO A 232 -11.37 -11.22 -17.72
C PRO A 232 -10.21 -10.83 -18.60
N PRO A 233 -9.22 -11.69 -18.76
CA PRO A 233 -8.12 -11.41 -19.71
C PRO A 233 -8.58 -11.66 -21.15
N LYS A 234 -7.72 -11.26 -22.08
CA LYS A 234 -7.98 -11.51 -23.49
C LYS A 234 -8.09 -13.00 -23.75
N GLU A 235 -9.05 -13.39 -24.59
CA GLU A 235 -9.28 -14.79 -24.91
C GLU A 235 -7.97 -15.48 -25.26
N GLY A 236 -7.66 -16.55 -24.53
CA GLY A 236 -6.44 -17.29 -24.75
C GLY A 236 -5.27 -16.85 -23.89
N GLU A 237 -5.35 -15.71 -23.25
CA GLU A 237 -4.31 -15.21 -22.36
C GLU A 237 -4.71 -15.40 -20.91
N GLU A 238 -3.72 -15.62 -20.06
CA GLU A 238 -3.93 -15.71 -18.62
C GLU A 238 -3.66 -14.37 -17.96
N VAL A 239 -4.25 -14.17 -16.78
CA VAL A 239 -4.03 -12.95 -16.04
C VAL A 239 -2.54 -12.83 -15.70
N SER A 240 -2.01 -11.63 -15.80
CA SER A 240 -0.61 -11.40 -15.47
C SER A 240 -0.34 -11.83 -14.04
N PRO A 241 0.59 -12.75 -13.79
CA PRO A 241 0.90 -13.10 -12.39
C PRO A 241 1.34 -11.90 -11.56
N GLU A 242 1.84 -10.84 -12.19
CA GLU A 242 2.29 -9.68 -11.43
C GLU A 242 1.14 -8.92 -10.78
N LYS A 243 -0.10 -9.15 -11.22
CA LYS A 243 -1.24 -8.47 -10.64
C LYS A 243 -1.71 -9.11 -9.34
N ASN A 244 -1.17 -10.27 -8.97
CA ASN A 244 -1.46 -10.90 -7.68
C ASN A 244 -2.96 -11.13 -7.51
N LEU A 245 -3.59 -11.67 -8.55
CA LEU A 245 -5.02 -11.91 -8.55
C LEU A 245 -5.36 -13.40 -8.47
N VAL A 246 -4.93 -14.20 -9.44
CA VAL A 246 -5.28 -15.62 -9.42
C VAL A 246 -4.63 -16.33 -8.24
N GLN A 247 -3.47 -15.83 -7.78
CA GLN A 247 -2.83 -16.31 -6.55
C GLN A 247 -2.68 -15.11 -5.64
N PRO A 248 -3.76 -14.71 -4.96
CA PRO A 248 -3.72 -13.46 -4.19
C PRO A 248 -2.88 -13.58 -2.94
N THR A 249 -2.65 -12.44 -2.32
CA THR A 249 -1.83 -12.33 -1.12
C THR A 249 -2.72 -12.27 0.12
N LEU A 250 -2.34 -13.02 1.15
CA LEU A 250 -2.99 -12.94 2.45
C LEU A 250 -2.16 -12.00 3.32
N LEU A 251 -2.64 -10.78 3.50
CA LEU A 251 -1.96 -9.80 4.34
C LEU A 251 -2.35 -10.06 5.80
N ILE A 252 -1.34 -10.07 6.68
CA ILE A 252 -1.55 -10.26 8.11
C ILE A 252 -0.81 -9.15 8.83
N TYR A 253 -1.54 -8.35 9.60
CA TYR A 253 -0.98 -7.26 10.38
C TYR A 253 -0.98 -7.68 11.84
N THR A 254 0.20 -7.93 12.39
CA THR A 254 0.37 -8.36 13.77
C THR A 254 0.73 -7.15 14.63
N TYR A 255 -0.08 -6.91 15.66
CA TYR A 255 0.04 -5.72 16.51
C TYR A 255 0.39 -6.20 17.92
N ASP A 256 1.67 -6.06 18.28
CA ASP A 256 2.18 -6.46 19.58
C ASP A 256 2.46 -5.20 20.39
N LEU A 257 1.72 -5.03 21.49
CA LEU A 257 1.80 -3.81 22.28
C LEU A 257 3.19 -3.57 22.85
N ASN A 258 4.05 -4.59 22.90
CA ASN A 258 5.36 -4.48 23.52
C ASN A 258 6.49 -4.53 22.49
N SER A 259 6.24 -4.10 21.26
CA SER A 259 7.28 -4.08 20.25
C SER A 259 6.85 -3.18 19.10
N ALA A 260 7.71 -2.22 18.76
CA ALA A 260 7.47 -1.33 17.63
C ALA A 260 7.47 -2.11 16.32
N ILE A 261 7.23 -1.42 15.20
CA ILE A 261 7.14 -2.07 13.89
C ILE A 261 8.37 -2.94 13.69
N GLY A 262 8.15 -4.22 13.40
CA GLY A 262 9.23 -5.15 13.18
C GLY A 262 9.20 -5.74 11.79
N PRO A 263 10.11 -6.68 11.52
CA PRO A 263 10.17 -7.26 10.17
C PRO A 263 8.95 -8.10 9.80
N TYR A 264 8.18 -8.57 10.79
CA TYR A 264 7.02 -9.41 10.52
C TYR A 264 5.72 -8.78 11.01
N SER A 265 5.70 -7.48 11.25
CA SER A 265 4.46 -6.79 11.58
C SER A 265 3.47 -6.91 10.42
N PHE A 266 3.93 -6.64 9.21
CA PHE A 266 3.14 -6.84 7.99
C PHE A 266 3.71 -8.06 7.27
N ARG A 267 2.97 -9.17 7.32
N ARG A 267 2.97 -9.17 7.32
CA ARG A 267 3.37 -10.41 6.67
CA ARG A 267 3.36 -10.40 6.67
C ARG A 267 2.40 -10.70 5.53
C ARG A 267 2.39 -10.68 5.52
N ALA A 268 2.92 -10.92 4.33
CA ALA A 268 2.14 -11.16 3.13
C ALA A 268 2.43 -12.57 2.64
N LEU A 269 1.45 -13.45 2.74
CA LEU A 269 1.58 -14.85 2.34
C LEU A 269 0.88 -15.06 1.00
N LYS A 270 1.58 -15.68 0.06
CA LYS A 270 1.02 -15.97 -1.25
C LYS A 270 0.13 -17.21 -1.17
N MET A 271 -1.09 -17.10 -1.70
CA MET A 271 -2.04 -18.19 -1.67
C MET A 271 -2.03 -18.93 -3.01
N GLY A 272 -2.43 -20.19 -2.97
CA GLY A 272 -2.66 -20.93 -4.20
C GLY A 272 -3.97 -20.50 -4.85
N GLY A 273 -4.16 -20.94 -6.08
CA GLY A 273 -5.36 -20.65 -6.83
C GLY A 273 -6.53 -21.48 -6.33
N ARG A 274 -7.57 -21.54 -7.18
CA ARG A 274 -8.75 -22.34 -6.86
C ARG A 274 -8.38 -23.81 -6.64
N LYS A 275 -8.92 -24.40 -5.58
CA LYS A 275 -8.72 -25.82 -5.33
C LYS A 275 -9.71 -26.64 -6.15
N LYS A 276 -9.22 -27.71 -6.77
CA LYS A 276 -10.08 -28.53 -7.62
C LYS A 276 -11.19 -29.19 -6.81
N ASP A 277 -10.98 -29.40 -5.51
CA ASP A 277 -11.93 -30.11 -4.67
C ASP A 277 -12.66 -29.19 -3.70
N CYS A 278 -12.71 -27.89 -3.99
CA CYS A 278 -13.33 -26.96 -3.07
C CYS A 278 -14.84 -27.21 -2.98
N PHE A 279 -15.35 -27.20 -1.75
CA PHE A 279 -16.78 -27.46 -1.53
C PHE A 279 -17.66 -26.47 -2.28
N ALA A 280 -17.20 -25.24 -2.46
CA ALA A 280 -18.02 -24.19 -3.04
C ALA A 280 -17.72 -23.94 -4.53
N CYS A 281 -16.45 -23.83 -4.90
CA CYS A 281 -16.08 -23.47 -6.26
C CYS A 281 -15.45 -24.61 -7.05
N GLY A 282 -15.18 -25.75 -6.42
CA GLY A 282 -14.54 -26.85 -7.11
C GLY A 282 -15.51 -27.62 -7.99
N GLU A 283 -14.97 -28.62 -8.68
CA GLU A 283 -15.77 -29.48 -9.54
C GLU A 283 -16.66 -30.38 -8.69
N ASN A 284 -17.82 -30.72 -9.24
CA ASN A 284 -18.82 -31.53 -8.55
C ASN A 284 -19.30 -30.86 -7.27
N SER A 285 -19.38 -29.54 -7.28
CA SER A 285 -19.90 -28.81 -6.13
C SER A 285 -21.40 -29.01 -6.02
N THR A 286 -21.86 -29.22 -4.78
CA THR A 286 -23.28 -29.38 -4.49
C THR A 286 -23.90 -28.08 -3.99
N LEU A 287 -23.15 -26.99 -4.01
CA LEU A 287 -23.63 -25.72 -3.48
C LEU A 287 -24.45 -24.98 -4.52
N THR A 288 -25.62 -24.49 -4.13
CA THR A 288 -26.49 -23.75 -5.01
C THR A 288 -27.14 -22.60 -4.24
N LEU A 289 -27.69 -21.65 -4.99
CA LEU A 289 -28.31 -20.49 -4.36
C LEU A 289 -29.58 -20.88 -3.61
N ASP A 290 -30.38 -21.81 -4.15
CA ASP A 290 -31.56 -22.26 -3.44
C ASP A 290 -31.22 -23.11 -2.23
N GLY A 291 -30.11 -23.86 -2.30
CA GLY A 291 -29.67 -24.59 -1.12
C GLY A 291 -29.31 -23.68 0.02
N ILE A 292 -28.61 -22.58 -0.29
CA ILE A 292 -28.28 -21.59 0.73
C ILE A 292 -29.55 -21.01 1.33
N LYS A 293 -30.50 -20.62 0.47
CA LYS A 293 -31.76 -20.08 0.97
C LYS A 293 -32.46 -21.06 1.88
N SER A 294 -32.41 -22.36 1.55
CA SER A 294 -33.08 -23.39 2.32
C SER A 294 -32.31 -23.79 3.58
N GLY A 295 -31.14 -23.21 3.81
CA GLY A 295 -30.34 -23.59 4.96
C GLY A 295 -29.56 -24.86 4.78
N ASN A 296 -29.27 -25.26 3.53
CA ASN A 296 -28.56 -26.53 3.32
C ASN A 296 -27.11 -26.43 3.77
N PRO A 297 -26.32 -25.41 3.36
CA PRO A 297 -25.11 -25.11 4.13
C PRO A 297 -25.45 -24.41 5.44
N ASN A 298 -25.22 -25.08 6.56
CA ASN A 298 -25.54 -24.51 7.88
C ASN A 298 -24.35 -23.68 8.34
N TYR A 299 -24.46 -22.36 8.18
CA TYR A 299 -23.39 -21.45 8.58
C TYR A 299 -23.40 -21.32 10.10
N VAL A 300 -22.76 -22.28 10.75
CA VAL A 300 -22.67 -22.33 12.19
C VAL A 300 -22.23 -20.99 12.76
N GLY A 304 -12.57 -19.57 15.49
CA GLY A 304 -12.81 -18.18 15.83
C GLY A 304 -12.89 -17.29 14.61
N ASN A 305 -12.59 -16.01 14.80
CA ASN A 305 -12.69 -15.06 13.70
C ASN A 305 -11.56 -15.21 12.69
N MET A 306 -10.42 -15.73 13.11
CA MET A 306 -9.27 -15.91 12.22
C MET A 306 -8.67 -17.28 12.46
N THR A 307 -8.38 -18.00 11.37
CA THR A 307 -7.86 -19.35 11.45
C THR A 307 -6.73 -19.53 10.45
N GLN A 308 -5.94 -20.58 10.67
CA GLN A 308 -4.79 -20.85 9.81
C GLN A 308 -5.25 -21.21 8.41
N SER A 309 -4.47 -20.77 7.41
CA SER A 309 -4.80 -21.03 6.02
C SER A 309 -4.52 -22.48 5.67
N THR A 310 -4.98 -22.87 4.47
CA THR A 310 -4.82 -24.26 4.02
C THR A 310 -4.39 -24.34 2.56
N ASN A 311 -3.87 -23.26 1.98
CA ASN A 311 -3.30 -23.34 0.64
C ASN A 311 -2.25 -22.26 0.43
N LEU A 312 -1.34 -22.12 1.39
CA LEU A 312 -0.14 -21.30 1.19
C LEU A 312 0.68 -21.88 0.06
N ALA A 313 1.07 -21.02 -0.88
CA ALA A 313 1.79 -21.46 -2.07
C ALA A 313 3.29 -21.31 -1.86
N PRO A 314 4.10 -22.02 -2.65
CA PRO A 314 5.55 -21.84 -2.56
C PRO A 314 5.97 -20.45 -2.99
N GLU A 315 6.98 -19.91 -2.31
CA GLU A 315 7.41 -18.54 -2.56
C GLU A 315 7.94 -18.37 -3.97
N ASP A 316 7.59 -17.24 -4.60
CA ASP A 316 7.99 -16.95 -5.96
C ASP A 316 9.05 -15.86 -6.07
N ARG A 317 9.36 -15.16 -4.98
CA ARG A 317 10.27 -14.02 -5.05
C ARG A 317 11.12 -13.98 -3.78
N ILE A 318 12.21 -13.22 -3.87
CA ILE A 318 13.14 -13.05 -2.77
C ILE A 318 13.71 -11.64 -2.85
N THR A 319 13.91 -11.01 -1.69
CA THR A 319 14.48 -9.68 -1.64
C THR A 319 15.99 -9.74 -1.86
N ALA A 320 16.55 -8.65 -2.39
CA ALA A 320 17.99 -8.54 -2.51
C ALA A 320 18.65 -8.75 -1.15
N THR A 321 18.03 -8.23 -0.08
CA THR A 321 18.56 -8.42 1.26
C THR A 321 18.60 -9.90 1.63
N ALA A 322 17.47 -10.60 1.46
CA ALA A 322 17.40 -11.99 1.89
C ALA A 322 18.32 -12.87 1.04
N TYR A 323 18.35 -12.63 -0.27
CA TYR A 323 19.25 -13.42 -1.12
C TYR A 323 20.69 -13.26 -0.69
N ASN A 324 21.11 -12.03 -0.38
CA ASN A 324 22.46 -11.80 0.11
C ASN A 324 22.66 -12.46 1.48
N GLU A 325 21.68 -12.29 2.38
CA GLU A 325 21.80 -12.90 3.70
C GLU A 325 22.01 -14.40 3.61
N LYS A 326 21.33 -15.07 2.68
CA LYS A 326 21.51 -16.50 2.51
C LYS A 326 22.84 -16.82 1.84
N ARG A 327 23.28 -15.96 0.92
CA ARG A 327 24.54 -16.21 0.22
C ARG A 327 25.72 -16.06 1.16
N ARG A 328 25.67 -15.10 2.09
CA ARG A 328 26.77 -14.92 3.02
C ARG A 328 26.85 -16.08 4.02
N ASN A 329 25.73 -16.70 4.33
CA ASN A 329 25.69 -17.85 5.22
C ASN A 329 25.67 -19.18 4.46
N GLY A 330 25.89 -19.14 3.15
CA GLY A 330 26.01 -20.36 2.36
C GLY A 330 24.77 -21.22 2.35
N GLU A 331 23.59 -20.62 2.44
CA GLU A 331 22.37 -21.40 2.54
C GLU A 331 21.89 -21.89 1.16
N LEU A 332 22.04 -21.08 0.13
CA LEU A 332 21.55 -21.43 -1.21
C LEU A 332 22.57 -22.36 -1.87
N GLY A 333 22.48 -23.63 -1.50
CA GLY A 333 23.34 -24.64 -2.09
C GLY A 333 22.73 -25.22 -3.36
N GLU A 334 23.60 -25.49 -4.33
CA GLU A 334 23.24 -26.17 -5.58
C GLU A 334 22.43 -25.30 -6.53
N HIS A 335 22.26 -24.02 -6.21
CA HIS A 335 21.33 -23.17 -6.94
C HIS A 335 22.01 -22.53 -8.16
N ILE A 336 21.18 -22.01 -9.05
CA ILE A 336 21.62 -21.31 -10.26
C ILE A 336 21.13 -19.87 -10.16
N LEU A 337 21.99 -18.93 -10.55
CA LEU A 337 21.68 -17.50 -10.53
C LEU A 337 21.76 -16.99 -11.97
N LEU A 338 20.62 -16.56 -12.49
CA LEU A 338 20.50 -16.13 -13.88
C LEU A 338 20.31 -14.62 -13.94
N ASP A 339 21.25 -13.94 -14.62
CA ASP A 339 21.17 -12.50 -14.84
C ASP A 339 20.64 -12.29 -16.26
N THR A 340 19.46 -11.70 -16.36
CA THR A 340 18.77 -11.56 -17.64
C THR A 340 18.98 -10.20 -18.29
N ARG A 341 19.85 -9.35 -17.74
CA ARG A 341 20.18 -8.10 -18.40
C ARG A 341 20.91 -8.38 -19.70
N GLU A 342 20.95 -7.38 -20.58
CA GLU A 342 21.58 -7.54 -21.87
C GLU A 342 23.11 -7.60 -21.72
N LYS A 343 23.76 -8.17 -22.74
CA LYS A 343 25.17 -8.50 -22.67
C LYS A 343 26.00 -7.32 -22.17
N GLU A 344 25.90 -6.17 -22.84
CA GLU A 344 26.76 -5.04 -22.49
C GLU A 344 26.44 -4.51 -21.09
N HIS A 345 25.19 -4.66 -20.63
CA HIS A 345 24.89 -4.29 -19.25
C HIS A 345 25.55 -5.24 -18.26
N PHE A 346 25.54 -6.54 -18.56
CA PHE A 346 26.19 -7.52 -17.69
C PHE A 346 27.69 -7.28 -17.62
N SER A 347 28.28 -6.64 -18.64
CA SER A 347 29.72 -6.46 -18.68
C SER A 347 30.21 -5.39 -17.71
N PHE A 348 29.32 -4.54 -17.20
CA PHE A 348 29.72 -3.53 -16.23
C PHE A 348 29.87 -4.07 -14.83
N GLY A 349 29.39 -5.27 -14.56
CA GLY A 349 29.45 -5.87 -13.24
C GLY A 349 28.20 -6.69 -12.97
N SER A 350 28.31 -7.60 -12.02
CA SER A 350 27.19 -8.48 -11.68
C SER A 350 27.45 -9.09 -10.31
N ILE A 351 26.44 -9.78 -9.80
CA ILE A 351 26.62 -10.58 -8.57
C ILE A 351 27.61 -11.69 -8.87
N PRO A 352 28.65 -11.89 -8.05
CA PRO A 352 29.60 -12.98 -8.32
C PRO A 352 28.88 -14.33 -8.34
N GLY A 353 29.11 -15.10 -9.40
CA GLY A 353 28.47 -16.37 -9.59
C GLY A 353 27.23 -16.33 -10.47
N ALA A 354 26.89 -15.16 -11.01
CA ALA A 354 25.72 -15.02 -11.86
C ALA A 354 26.07 -15.35 -13.29
N VAL A 355 25.26 -16.21 -13.92
CA VAL A 355 25.39 -16.52 -15.33
C VAL A 355 24.46 -15.59 -16.11
N ASN A 356 24.96 -15.05 -17.21
CA ASN A 356 24.22 -14.08 -18.01
C ASN A 356 23.42 -14.81 -19.09
N VAL A 357 22.11 -14.58 -19.10
CA VAL A 357 21.22 -15.12 -20.12
C VAL A 357 20.33 -13.98 -20.59
N PRO A 358 20.75 -13.19 -21.56
CA PRO A 358 20.01 -11.96 -21.91
C PRO A 358 18.53 -12.23 -22.16
N PHE A 359 17.70 -11.29 -21.70
CA PHE A 359 16.25 -11.44 -21.85
C PHE A 359 15.83 -11.41 -23.31
N SER A 360 16.47 -10.54 -24.10
CA SER A 360 16.13 -10.45 -25.52
C SER A 360 16.21 -11.81 -26.20
N LYS A 361 17.37 -12.47 -26.10
CA LYS A 361 17.54 -13.79 -26.71
C LYS A 361 16.67 -14.82 -26.01
N PHE A 362 16.52 -14.70 -24.69
CA PHE A 362 15.73 -15.67 -23.94
C PHE A 362 14.31 -15.78 -24.50
N LEU A 363 13.68 -14.64 -24.80
CA LEU A 363 12.32 -14.67 -25.34
C LEU A 363 12.27 -15.29 -26.72
N VAL A 364 13.31 -15.09 -27.53
CA VAL A 364 13.33 -15.68 -28.88
C VAL A 364 13.52 -17.18 -28.79
N LYS A 365 14.50 -17.63 -28.00
CA LYS A 365 14.71 -19.06 -27.81
C LYS A 365 13.47 -19.72 -27.23
N ALA A 366 12.83 -19.06 -26.27
CA ALA A 366 11.58 -19.59 -25.73
C ALA A 366 10.50 -19.65 -26.81
N SER A 367 10.45 -18.66 -27.69
CA SER A 367 9.54 -18.71 -28.83
C SER A 367 9.85 -19.89 -29.74
N SER A 368 11.10 -20.34 -29.76
CA SER A 368 11.54 -21.41 -30.64
C SER A 368 11.40 -22.79 -30.00
N ILE A 369 10.82 -22.89 -28.82
CA ILE A 369 10.51 -24.19 -28.21
C ILE A 369 9.04 -24.57 -28.42
N LYS A 370 8.39 -23.96 -29.42
CA LYS A 370 7.07 -24.41 -29.86
C LYS A 370 7.24 -25.53 -30.89
N ARG A 371 8.09 -26.50 -30.58
CA ARG A 371 8.41 -27.58 -31.51
C ARG A 371 8.89 -28.81 -30.76
N PRO A 376 13.93 -28.16 -28.90
CA PRO A 376 13.35 -29.46 -28.50
C PRO A 376 12.72 -29.43 -27.10
N ALA A 377 13.54 -29.30 -26.06
CA ALA A 377 13.04 -29.41 -24.71
C ALA A 377 13.24 -28.13 -23.92
N GLU A 378 14.49 -27.86 -23.49
CA GLU A 378 14.75 -26.68 -22.67
C GLU A 378 16.22 -26.26 -22.83
N LEU A 379 16.53 -25.83 -24.04
CA LEU A 379 17.87 -25.31 -24.38
C LEU A 379 18.09 -23.83 -23.91
N LEU A 380 17.02 -23.04 -23.77
CA LEU A 380 17.15 -21.68 -23.14
C LEU A 380 18.15 -21.56 -21.92
N PRO A 381 18.04 -22.49 -21.00
CA PRO A 381 18.83 -22.53 -19.76
C PRO A 381 20.26 -23.10 -19.93
N MET A 382 21.01 -23.31 -18.82
CA MET A 382 22.42 -23.78 -18.80
C MET A 382 22.66 -25.09 -17.95
N GLN A 383 23.89 -25.61 -17.82
CA GLN A 383 24.08 -26.91 -17.08
C GLN A 383 23.46 -27.04 -15.65
N PRO A 384 22.43 -27.86 -15.41
CA PRO A 384 21.83 -28.07 -14.07
C PRO A 384 22.52 -29.26 -13.30
N ALA A 385 21.97 -29.69 -12.14
CA ALA A 385 22.50 -30.76 -11.23
C ALA A 385 21.43 -31.85 -10.86
N SER A 386 20.62 -31.44 -9.89
CA SER A 386 19.45 -32.22 -9.38
C SER A 386 18.13 -31.66 -9.86
N ASP A 387 17.06 -32.30 -9.43
CA ASP A 387 15.68 -31.91 -9.71
C ASP A 387 15.18 -30.85 -8.72
N GLU A 388 15.89 -30.66 -7.61
CA GLU A 388 15.48 -29.73 -6.57
C GLU A 388 16.36 -28.49 -6.51
N ALA A 389 17.14 -28.23 -7.56
CA ALA A 389 18.09 -27.12 -7.55
C ALA A 389 17.39 -25.81 -7.84
N PRO A 390 17.28 -24.91 -6.87
CA PRO A 390 16.55 -23.65 -7.11
C PRO A 390 17.16 -22.84 -8.24
N ILE A 391 16.33 -22.02 -8.86
CA ILE A 391 16.75 -21.07 -9.88
C ILE A 391 16.36 -19.68 -9.41
N VAL A 392 17.31 -18.75 -9.45
CA VAL A 392 17.09 -17.36 -9.07
C VAL A 392 17.35 -16.49 -10.28
N VAL A 393 16.37 -15.63 -10.61
CA VAL A 393 16.47 -14.73 -11.75
C VAL A 393 16.64 -13.31 -11.22
N VAL A 394 17.44 -12.51 -11.93
CA VAL A 394 17.65 -11.12 -11.59
C VAL A 394 17.80 -10.32 -12.88
N CYS A 395 17.18 -9.15 -12.92
CA CYS A 395 17.24 -8.29 -14.10
C CYS A 395 17.61 -6.88 -13.62
N ARG A 396 17.32 -5.88 -14.46
CA ARG A 396 17.80 -4.52 -14.16
C ARG A 396 17.12 -3.95 -12.94
N ARG A 397 15.77 -4.00 -12.89
CA ARG A 397 15.05 -3.47 -11.73
C ARG A 397 13.80 -4.29 -11.42
N GLY A 398 13.79 -5.57 -11.77
CA GLY A 398 12.71 -6.45 -11.37
C GLY A 398 11.41 -6.26 -12.12
N GLN A 399 11.46 -5.74 -13.35
CA GLN A 399 10.26 -5.52 -14.13
C GLN A 399 9.92 -6.71 -15.02
N ASP A 400 10.96 -7.37 -15.57
CA ASP A 400 10.77 -8.48 -16.49
C ASP A 400 11.10 -9.84 -15.90
N SER A 401 11.62 -9.89 -14.67
CA SER A 401 12.08 -11.15 -14.11
C SER A 401 10.93 -12.07 -13.76
N GLN A 402 9.78 -11.51 -13.37
CA GLN A 402 8.61 -12.34 -13.10
C GLN A 402 8.13 -13.04 -14.37
N GLU A 403 8.16 -12.35 -15.51
CA GLU A 403 7.81 -12.98 -16.77
C GLU A 403 8.76 -14.11 -17.10
N VAL A 404 10.05 -13.93 -16.83
CA VAL A 404 11.02 -15.01 -17.02
C VAL A 404 10.63 -16.21 -16.18
N VAL A 405 10.44 -16.00 -14.88
CA VAL A 405 10.07 -17.10 -13.98
C VAL A 405 8.79 -17.76 -14.46
N GLU A 406 7.86 -16.97 -15.00
CA GLU A 406 6.55 -17.52 -15.37
C GLU A 406 6.65 -18.47 -16.55
N LYS A 407 7.48 -18.15 -17.54
CA LYS A 407 7.60 -19.02 -18.71
C LYS A 407 8.42 -20.26 -18.40
N LEU A 408 9.42 -20.14 -17.53
CA LEU A 408 10.18 -21.32 -17.11
C LEU A 408 9.26 -22.34 -16.44
N LYS A 409 8.32 -21.87 -15.62
CA LYS A 409 7.32 -22.77 -15.05
C LYS A 409 6.35 -23.27 -16.11
N GLU A 410 6.05 -22.44 -17.12
CA GLU A 410 5.16 -22.87 -18.19
C GLU A 410 5.74 -24.06 -18.96
N LEU A 411 7.07 -24.18 -18.99
CA LEU A 411 7.74 -25.27 -19.66
C LEU A 411 8.13 -26.39 -18.70
N GLY A 412 7.46 -26.49 -17.55
CA GLY A 412 7.66 -27.60 -16.64
C GLY A 412 9.06 -27.72 -16.08
N LEU A 413 9.80 -26.63 -16.01
CA LEU A 413 11.14 -26.65 -15.46
C LEU A 413 11.17 -26.46 -13.95
N ASP A 414 10.01 -26.36 -13.30
CA ASP A 414 9.90 -26.45 -11.85
C ASP A 414 9.69 -27.89 -11.40
N ASN A 415 9.70 -28.85 -12.33
CA ASN A 415 9.52 -30.28 -12.01
C ASN A 415 8.35 -30.49 -11.06
N GLY A 416 7.19 -29.96 -11.45
CA GLY A 416 5.97 -30.19 -10.70
C GLY A 416 5.91 -29.51 -9.35
N GLY A 417 6.79 -28.54 -9.10
CA GLY A 417 6.79 -27.82 -7.83
C GLY A 417 7.90 -28.23 -6.88
N LYS A 418 8.71 -29.22 -7.22
CA LYS A 418 9.81 -29.62 -6.37
C LYS A 418 10.99 -28.66 -6.47
N ARG A 419 11.07 -27.87 -7.55
CA ARG A 419 12.19 -26.96 -7.79
C ARG A 419 11.69 -25.53 -7.71
N LYS A 420 12.15 -24.78 -6.71
CA LYS A 420 11.77 -23.39 -6.58
C LYS A 420 12.43 -22.55 -7.67
N ILE A 421 11.64 -21.66 -8.26
CA ILE A 421 12.12 -20.70 -9.26
C ILE A 421 11.70 -19.32 -8.77
N MET A 422 12.68 -18.48 -8.43
CA MET A 422 12.42 -17.18 -7.84
C MET A 422 13.09 -16.09 -8.66
N ASP A 423 12.66 -14.85 -8.43
CA ASP A 423 13.34 -13.67 -8.95
C ASP A 423 13.63 -12.73 -7.79
N ILE A 424 14.55 -11.81 -8.03
CA ILE A 424 14.97 -10.85 -7.01
C ILE A 424 14.11 -9.60 -7.14
N VAL A 425 13.44 -9.22 -6.05
CA VAL A 425 12.55 -8.06 -6.05
C VAL A 425 13.38 -6.81 -6.23
N GLY A 426 13.07 -6.03 -7.27
CA GLY A 426 13.76 -4.79 -7.54
C GLY A 426 15.01 -4.92 -8.39
N GLY A 427 15.37 -6.13 -8.81
CA GLY A 427 16.49 -6.33 -9.71
C GLY A 427 17.80 -5.83 -9.12
N MET A 428 18.71 -5.46 -10.02
CA MET A 428 20.04 -5.01 -9.60
C MET A 428 20.00 -3.64 -8.93
N LYS A 429 18.97 -2.84 -9.21
CA LYS A 429 18.83 -1.57 -8.51
C LYS A 429 18.62 -1.79 -7.02
N ALA A 430 17.72 -2.71 -6.66
CA ALA A 430 17.51 -3.03 -5.25
C ALA A 430 18.77 -3.62 -4.64
N TRP A 431 19.51 -4.42 -5.41
CA TRP A 431 20.80 -4.93 -4.93
C TRP A 431 21.71 -3.78 -4.55
N ARG A 432 21.79 -2.75 -5.39
CA ARG A 432 22.60 -1.58 -5.06
C ARG A 432 22.06 -0.88 -3.81
N ASP A 433 20.74 -0.66 -3.76
CA ASP A 433 20.18 0.13 -2.68
C ASP A 433 20.21 -0.60 -1.34
N GLU A 434 20.13 -1.93 -1.36
CA GLU A 434 19.98 -2.71 -0.13
C GLU A 434 21.23 -3.42 0.32
N VAL A 435 22.16 -3.74 -0.59
CA VAL A 435 23.27 -4.62 -0.24
C VAL A 435 24.61 -3.97 -0.57
N ASP A 436 24.80 -3.55 -1.82
CA ASP A 436 26.08 -3.09 -2.33
C ASP A 436 25.91 -1.69 -2.91
N PRO A 437 26.03 -0.65 -2.08
CA PRO A 437 25.79 0.71 -2.59
C PRO A 437 26.76 1.14 -3.69
N ASP A 438 27.95 0.54 -3.76
CA ASP A 438 28.94 0.89 -4.77
C ASP A 438 28.87 -0.01 -5.99
N PHE A 439 27.75 -0.67 -6.22
CA PHE A 439 27.61 -1.50 -7.41
C PHE A 439 27.47 -0.61 -8.65
N PRO A 440 28.10 -0.98 -9.77
CA PRO A 440 28.02 -0.12 -10.98
C PRO A 440 26.72 -0.34 -11.77
N PHE A 441 25.64 0.25 -11.27
CA PHE A 441 24.34 0.08 -11.89
C PHE A 441 24.15 1.06 -13.04
N ILE A 442 23.52 0.58 -14.11
CA ILE A 442 23.15 1.44 -15.23
C ILE A 442 21.63 1.56 -15.26
N GLY B 1 -3.62 16.28 34.89
CA GLY B 1 -3.83 15.68 33.59
C GLY B 1 -3.11 14.36 33.44
N SER B 2 -1.91 14.28 34.03
CA SER B 2 -1.12 13.07 34.02
C SER B 2 -1.12 12.36 35.37
N THR B 3 -2.07 12.70 36.24
CA THR B 3 -2.11 12.20 37.61
C THR B 3 -3.29 11.27 37.86
N GLN B 4 -3.99 10.83 36.81
CA GLN B 4 -5.14 9.96 36.98
C GLN B 4 -4.70 8.60 37.53
N LYS B 5 -5.38 8.15 38.58
CA LYS B 5 -5.16 6.84 39.16
C LYS B 5 -6.42 5.98 39.13
N SER B 6 -7.53 6.50 38.62
CA SER B 6 -8.81 5.80 38.60
C SER B 6 -9.50 6.06 37.28
N LEU B 7 -10.43 5.17 36.94
CA LEU B 7 -11.29 5.32 35.77
C LEU B 7 -12.70 5.61 36.24
N SER B 8 -13.32 6.55 35.59
CA SER B 8 -14.71 6.87 35.94
C SER B 8 -15.65 5.81 35.34
N LYS B 9 -16.88 5.75 35.80
CA LYS B 9 -17.82 4.82 35.25
C LYS B 9 -17.98 4.99 33.74
N GLU B 10 -18.02 6.19 33.17
CA GLU B 10 -18.19 6.41 31.70
C GLU B 10 -16.96 5.86 30.95
N GLU B 11 -15.80 6.11 31.50
CA GLU B 11 -14.51 5.62 30.87
C GLU B 11 -14.44 4.05 30.85
N ILE B 12 -14.85 3.39 31.92
CA ILE B 12 -14.90 1.94 31.97
C ILE B 12 -15.73 1.39 30.82
N GLU B 13 -16.92 1.95 30.60
CA GLU B 13 -17.77 1.50 29.50
C GLU B 13 -17.15 1.84 28.15
N ARG B 14 -16.63 3.06 28.00
CA ARG B 14 -16.12 3.51 26.71
C ARG B 14 -14.90 2.71 26.27
N TYR B 15 -14.06 2.30 27.21
CA TYR B 15 -12.79 1.62 26.89
C TYR B 15 -12.79 0.15 27.25
N SER B 16 -13.95 -0.43 27.57
CA SER B 16 -13.98 -1.81 28.06
C SER B 16 -13.42 -2.79 27.02
N ARG B 17 -13.73 -2.57 25.75
CA ARG B 17 -13.35 -3.55 24.73
C ARG B 17 -11.84 -3.59 24.49
N GLN B 18 -11.14 -2.46 24.65
CA GLN B 18 -9.70 -2.46 24.40
C GLN B 18 -8.88 -2.76 25.64
N MET B 19 -9.41 -2.49 26.84
CA MET B 19 -8.68 -2.82 28.06
C MET B 19 -8.52 -4.33 28.22
N ILE B 20 -9.47 -5.12 27.72
CA ILE B 20 -9.39 -6.57 27.87
C ILE B 20 -8.33 -7.20 26.99
N VAL B 21 -7.77 -6.43 26.05
CA VAL B 21 -6.67 -6.95 25.24
C VAL B 21 -5.49 -7.28 26.15
N PRO B 22 -4.82 -8.42 25.97
CA PRO B 22 -3.63 -8.68 26.80
C PRO B 22 -2.57 -7.61 26.58
N GLY B 23 -1.99 -7.15 27.69
CA GLY B 23 -1.00 -6.08 27.63
C GLY B 23 -1.56 -4.69 27.74
N MET B 24 -2.88 -4.53 27.80
CA MET B 24 -3.51 -3.22 27.96
C MET B 24 -4.01 -3.08 29.39
N GLY B 25 -5.22 -3.59 29.65
CA GLY B 25 -5.78 -3.55 30.98
C GLY B 25 -5.96 -2.14 31.51
N LYS B 26 -6.16 -2.06 32.83
CA LYS B 26 -6.38 -0.78 33.48
C LYS B 26 -5.12 0.08 33.46
N GLU B 27 -3.96 -0.53 33.79
CA GLU B 27 -2.70 0.20 33.76
C GLU B 27 -2.45 0.76 32.36
N GLY B 28 -2.71 -0.04 31.33
CA GLY B 28 -2.51 0.44 29.97
C GLY B 28 -3.41 1.61 29.64
N GLN B 29 -4.67 1.56 30.09
CA GLN B 29 -5.61 2.63 29.78
C GLN B 29 -5.23 3.92 30.50
N LEU B 30 -4.86 3.83 31.77
CA LEU B 30 -4.44 5.03 32.50
C LEU B 30 -3.22 5.67 31.87
N ARG B 31 -2.32 4.86 31.29
CA ARG B 31 -1.14 5.40 30.63
C ARG B 31 -1.51 6.21 29.40
N LEU B 32 -2.54 5.76 28.67
CA LEU B 32 -3.05 6.58 27.56
C LEU B 32 -3.67 7.87 28.08
N MET B 33 -4.50 7.77 29.11
CA MET B 33 -5.24 8.92 29.61
C MET B 33 -4.33 9.94 30.31
N ASN B 34 -3.18 9.51 30.81
CA ASN B 34 -2.21 10.42 31.41
C ASN B 34 -1.18 10.91 30.41
N ALA B 35 -1.30 10.54 29.14
CA ALA B 35 -0.30 10.85 28.14
C ALA B 35 -0.66 12.15 27.40
N LYS B 36 0.36 12.75 26.80
CA LYS B 36 0.21 13.95 25.98
C LYS B 36 0.89 13.70 24.65
N VAL B 37 0.11 13.64 23.57
CA VAL B 37 0.62 13.32 22.24
C VAL B 37 0.41 14.51 21.33
N LEU B 38 1.45 14.91 20.62
CA LEU B 38 1.42 16.03 19.69
C LEU B 38 1.34 15.51 18.26
N ILE B 39 0.41 16.05 17.49
CA ILE B 39 0.23 15.70 16.08
C ILE B 39 0.53 16.94 15.27
N ILE B 40 1.63 16.91 14.52
CA ILE B 40 2.08 18.05 13.72
C ILE B 40 1.58 17.81 12.31
N GLY B 41 0.54 18.53 11.90
CA GLY B 41 -0.07 18.34 10.60
C GLY B 41 -1.46 17.74 10.72
N ALA B 42 -2.46 18.41 10.17
CA ALA B 42 -3.85 18.00 10.26
C ALA B 42 -4.42 17.60 8.91
N GLY B 43 -3.63 16.90 8.10
CA GLY B 43 -4.05 16.50 6.78
C GLY B 43 -4.18 15.00 6.60
N GLY B 44 -3.64 14.47 5.49
CA GLY B 44 -3.83 13.07 5.16
C GLY B 44 -3.24 12.13 6.19
N LEU B 45 -2.07 12.48 6.72
CA LEU B 45 -1.47 11.69 7.77
C LEU B 45 -2.09 12.01 9.13
N GLY B 46 -2.37 13.28 9.40
CA GLY B 46 -2.82 13.69 10.71
C GLY B 46 -4.24 13.28 11.04
N CYS B 47 -5.13 13.25 10.04
CA CYS B 47 -6.53 12.93 10.32
C CYS B 47 -6.70 11.51 10.84
N PRO B 48 -6.21 10.46 10.16
CA PRO B 48 -6.39 9.11 10.70
C PRO B 48 -5.65 8.90 12.02
N ALA B 49 -4.44 9.45 12.15
CA ALA B 49 -3.73 9.32 13.42
C ALA B 49 -4.56 9.91 14.55
N ALA B 50 -5.06 11.14 14.37
CA ALA B 50 -5.85 11.77 15.43
C ALA B 50 -7.10 10.97 15.75
N GLN B 51 -7.79 10.47 14.72
CA GLN B 51 -9.05 9.77 14.95
C GLN B 51 -8.86 8.59 15.91
N TYR B 52 -7.81 7.80 15.71
CA TYR B 52 -7.64 6.57 16.48
C TYR B 52 -7.00 6.81 17.83
N LEU B 53 -6.20 7.88 17.97
CA LEU B 53 -5.75 8.27 19.30
C LEU B 53 -6.89 8.89 20.11
N ALA B 54 -7.80 9.60 19.45
CA ALA B 54 -8.97 10.13 20.17
C ALA B 54 -9.87 9.01 20.66
N GLY B 55 -10.25 8.10 19.77
CA GLY B 55 -11.10 6.99 20.16
C GLY B 55 -10.50 6.16 21.28
N ALA B 56 -9.16 5.99 21.27
CA ALA B 56 -8.49 5.16 22.26
C ALA B 56 -8.38 5.83 23.63
N GLY B 57 -8.55 7.15 23.70
CA GLY B 57 -8.61 7.84 24.96
C GLY B 57 -7.34 8.54 25.41
N VAL B 58 -6.40 8.81 24.50
CA VAL B 58 -5.23 9.59 24.89
C VAL B 58 -5.70 10.88 25.54
N GLY B 59 -5.19 11.15 26.75
CA GLY B 59 -5.77 12.19 27.57
C GLY B 59 -5.59 13.59 27.00
N THR B 60 -4.49 13.84 26.30
CA THR B 60 -4.22 15.18 25.78
C THR B 60 -3.64 15.05 24.39
N ILE B 61 -4.30 15.66 23.41
CA ILE B 61 -3.94 15.57 22.01
C ILE B 61 -3.75 16.99 21.47
N GLY B 62 -2.53 17.32 21.09
CA GLY B 62 -2.23 18.58 20.44
C GLY B 62 -2.20 18.41 18.94
N ILE B 63 -2.61 19.46 18.23
CA ILE B 63 -2.67 19.44 16.77
C ILE B 63 -2.12 20.76 16.26
N VAL B 64 -1.17 20.70 15.34
CA VAL B 64 -0.48 21.88 14.82
C VAL B 64 -0.78 21.97 13.33
N ASP B 65 -1.37 23.09 12.91
CA ASP B 65 -1.60 23.35 11.50
C ASP B 65 -2.16 24.76 11.35
N GLY B 66 -1.69 25.47 10.31
CA GLY B 66 -2.14 26.81 10.05
C GLY B 66 -2.89 26.95 8.73
N ASP B 67 -3.03 25.84 8.01
CA ASP B 67 -3.71 25.85 6.73
C ASP B 67 -5.21 25.62 6.90
N SER B 68 -5.95 25.74 5.79
CA SER B 68 -7.39 25.64 5.78
C SER B 68 -7.86 24.40 5.02
N VAL B 69 -9.10 24.01 5.27
CA VAL B 69 -9.70 22.88 4.60
C VAL B 69 -10.03 23.25 3.16
N GLU B 70 -9.72 22.35 2.23
CA GLU B 70 -9.98 22.55 0.81
C GLU B 70 -10.73 21.35 0.26
N THR B 71 -11.55 21.60 -0.76
CA THR B 71 -12.38 20.56 -1.34
C THR B 71 -11.53 19.47 -1.99
N SER B 72 -10.42 19.86 -2.63
CA SER B 72 -9.61 18.93 -3.39
C SER B 72 -8.78 18.00 -2.51
N ASN B 73 -8.80 18.18 -1.19
CA ASN B 73 -8.06 17.31 -0.28
C ASN B 73 -8.96 16.37 0.51
N LEU B 74 -10.28 16.45 0.33
CA LEU B 74 -11.19 15.65 1.15
C LEU B 74 -11.04 14.16 0.85
N HIS B 75 -10.63 13.80 -0.37
CA HIS B 75 -10.49 12.40 -0.72
C HIS B 75 -9.48 11.69 0.16
N ARG B 76 -8.53 12.42 0.74
N ARG B 76 -8.54 12.42 0.75
CA ARG B 76 -7.52 11.87 1.63
CA ARG B 76 -7.56 11.82 1.66
C ARG B 76 -7.61 12.37 3.06
C ARG B 76 -7.63 12.36 3.08
N GLN B 77 -8.20 13.54 3.29
CA GLN B 77 -8.36 14.10 4.63
C GLN B 77 -9.80 13.90 5.10
N VAL B 78 -10.11 12.63 5.42
CA VAL B 78 -11.49 12.21 5.63
C VAL B 78 -12.07 12.62 6.96
N ALA B 79 -11.26 13.22 7.84
CA ALA B 79 -11.80 13.77 9.09
C ALA B 79 -12.44 15.14 8.89
N HIS B 80 -12.32 15.72 7.70
CA HIS B 80 -12.89 17.02 7.40
C HIS B 80 -14.25 16.86 6.72
N ALA B 81 -14.98 17.96 6.62
CA ALA B 81 -16.31 17.98 6.06
C ALA B 81 -16.39 19.00 4.94
N THR B 82 -17.31 18.78 4.00
CA THR B 82 -17.49 19.71 2.90
C THR B 82 -17.97 21.07 3.40
N LYS B 83 -18.85 21.07 4.41
CA LYS B 83 -19.36 22.33 4.95
C LYS B 83 -18.32 23.06 5.80
N ARG B 84 -17.18 22.44 6.08
CA ARG B 84 -16.11 23.09 6.83
C ARG B 84 -14.97 23.55 5.93
N VAL B 85 -15.16 23.51 4.61
CA VAL B 85 -14.18 24.07 3.69
C VAL B 85 -14.00 25.55 4.00
N GLY B 86 -12.74 25.99 4.05
CA GLY B 86 -12.41 27.34 4.44
C GLY B 86 -12.06 27.49 5.90
N MET B 87 -12.47 26.56 6.74
CA MET B 87 -12.12 26.56 8.14
C MET B 87 -10.70 26.02 8.34
N LEU B 88 -10.05 26.47 9.42
CA LEU B 88 -8.77 25.92 9.80
C LEU B 88 -8.85 24.40 9.93
N LYS B 89 -7.84 23.71 9.38
CA LYS B 89 -7.81 22.26 9.49
C LYS B 89 -7.86 21.81 10.94
N VAL B 90 -7.09 22.48 11.81
CA VAL B 90 -7.02 22.07 13.21
C VAL B 90 -8.40 22.13 13.86
N ASP B 91 -9.19 23.17 13.54
CA ASP B 91 -10.51 23.30 14.12
C ASP B 91 -11.49 22.30 13.51
N SER B 92 -11.41 22.08 12.20
CA SER B 92 -12.28 21.11 11.55
C SER B 92 -11.99 19.69 12.03
N LEU B 93 -10.72 19.36 12.25
CA LEU B 93 -10.35 18.04 12.71
C LEU B 93 -10.81 17.81 14.14
N ILE B 94 -10.60 18.80 15.02
CA ILE B 94 -11.02 18.66 16.40
C ILE B 94 -12.53 18.55 16.51
N THR B 95 -13.27 19.16 15.59
CA THR B 95 -14.72 19.01 15.59
C THR B 95 -15.11 17.55 15.45
N HIS B 96 -14.42 16.81 14.58
CA HIS B 96 -14.70 15.39 14.40
C HIS B 96 -14.15 14.56 15.54
N LEU B 97 -12.99 14.93 16.08
CA LEU B 97 -12.47 14.20 17.23
C LEU B 97 -13.41 14.31 18.42
N ILE B 98 -13.93 15.51 18.68
CA ILE B 98 -14.89 15.68 19.76
C ILE B 98 -16.11 14.81 19.54
N GLU B 99 -16.53 14.63 18.28
CA GLU B 99 -17.61 13.71 17.99
C GLU B 99 -17.24 12.29 18.40
N ILE B 100 -16.01 11.86 18.06
CA ILE B 100 -15.59 10.49 18.36
C ILE B 100 -15.53 10.29 19.87
N ASN B 101 -14.94 11.24 20.58
CA ASN B 101 -14.68 11.11 22.01
C ASN B 101 -14.48 12.49 22.62
N PRO B 102 -15.43 12.98 23.40
CA PRO B 102 -15.28 14.31 24.02
C PRO B 102 -14.52 14.33 25.33
N LEU B 103 -14.00 13.20 25.80
CA LEU B 103 -13.33 13.16 27.09
C LEU B 103 -11.91 13.70 27.04
N PRO B 104 -11.16 13.48 25.95
CA PRO B 104 -9.79 14.01 25.89
C PRO B 104 -9.78 15.52 25.75
N VAL B 105 -8.65 16.12 26.13
CA VAL B 105 -8.41 17.54 25.94
C VAL B 105 -7.68 17.73 24.62
N TYR B 106 -8.20 18.62 23.77
CA TYR B 106 -7.63 18.90 22.46
C TYR B 106 -7.01 20.29 22.49
N VAL B 107 -5.75 20.39 22.07
CA VAL B 107 -4.99 21.63 22.13
C VAL B 107 -4.61 22.03 20.71
N PRO B 108 -5.28 23.00 20.13
CA PRO B 108 -4.93 23.42 18.77
C PRO B 108 -3.83 24.47 18.73
N TYR B 109 -2.93 24.30 17.77
CA TYR B 109 -1.94 25.32 17.43
C TYR B 109 -2.33 25.85 16.05
N ARG B 110 -2.97 27.01 16.02
CA ARG B 110 -3.53 27.55 14.79
C ARG B 110 -2.50 28.35 14.00
N PHE B 111 -1.36 27.74 13.71
CA PHE B 111 -0.30 28.40 12.95
C PHE B 111 0.78 27.38 12.59
N ASP B 112 1.58 27.75 11.59
CA ASP B 112 2.61 26.86 11.09
C ASP B 112 3.70 26.64 12.13
N LEU B 113 4.19 25.41 12.20
CA LEU B 113 5.42 25.14 12.94
C LEU B 113 6.62 25.63 12.14
N THR B 114 7.54 26.28 12.81
CA THR B 114 8.71 26.87 12.14
C THR B 114 9.96 26.69 13.00
N PRO B 115 11.15 26.93 12.45
CA PRO B 115 12.36 26.87 13.29
C PRO B 115 12.32 27.83 14.46
N GLN B 116 11.54 28.91 14.38
CA GLN B 116 11.47 29.89 15.45
C GLN B 116 10.52 29.50 16.58
N ASN B 117 9.61 28.55 16.34
CA ASN B 117 8.66 28.14 17.37
C ASN B 117 8.63 26.64 17.62
N ALA B 118 9.47 25.86 16.94
CA ALA B 118 9.40 24.40 17.07
C ALA B 118 9.57 23.98 18.53
N ALA B 119 10.57 24.52 19.21
CA ALA B 119 10.84 24.11 20.58
C ALA B 119 9.69 24.47 21.51
N GLN B 120 9.10 25.65 21.31
CA GLN B 120 7.96 26.04 22.14
C GLN B 120 6.81 25.05 21.98
N ILE B 121 6.54 24.62 20.76
CA ILE B 121 5.40 23.75 20.50
C ILE B 121 5.66 22.35 21.04
N ILE B 122 6.88 21.83 20.85
CA ILE B 122 7.16 20.43 21.12
C ILE B 122 7.41 20.16 22.60
N LYS B 123 8.00 21.11 23.31
CA LYS B 123 8.51 20.83 24.65
C LYS B 123 7.49 20.20 25.60
N PRO B 124 6.21 20.61 25.61
CA PRO B 124 5.29 20.09 26.63
C PRO B 124 4.79 18.66 26.40
N TRP B 125 5.17 17.99 25.33
CA TRP B 125 4.51 16.76 24.91
C TRP B 125 5.40 15.54 25.11
N ASP B 126 4.77 14.39 25.32
CA ASP B 126 5.45 13.15 25.63
C ASP B 126 5.91 12.41 24.37
N VAL B 127 5.03 12.30 23.38
CA VAL B 127 5.33 11.61 22.14
C VAL B 127 5.00 12.55 20.98
N ILE B 128 5.89 12.61 20.00
CA ILE B 128 5.73 13.51 18.86
C ILE B 128 5.43 12.68 17.62
N LEU B 129 4.41 13.08 16.89
CA LEU B 129 4.09 12.49 15.59
C LEU B 129 4.27 13.56 14.52
N ASP B 130 5.15 13.30 13.56
CA ASP B 130 5.34 14.18 12.43
C ASP B 130 4.39 13.76 11.32
N CYS B 131 3.33 14.54 11.10
CA CYS B 131 2.38 14.33 10.01
C CYS B 131 2.43 15.45 8.99
N THR B 132 3.57 16.17 8.90
CA THR B 132 3.65 17.33 8.03
C THR B 132 3.72 16.94 6.55
N ASP B 133 4.35 15.81 6.24
CA ASP B 133 4.58 15.40 4.85
C ASP B 133 5.47 16.41 4.12
N ASN B 134 6.33 17.09 4.87
CA ASN B 134 7.25 18.08 4.32
C ASN B 134 8.68 17.65 4.64
N PRO B 135 9.52 17.35 3.64
CA PRO B 135 10.87 16.86 3.97
C PRO B 135 11.68 17.82 4.83
N ALA B 136 11.66 19.11 4.53
CA ALA B 136 12.42 20.06 5.33
C ALA B 136 11.96 20.06 6.78
N THR B 137 10.65 20.12 7.01
CA THR B 137 10.13 20.12 8.37
C THR B 137 10.49 18.83 9.10
N ARG B 138 10.55 17.71 8.37
CA ARG B 138 10.94 16.45 8.99
C ARG B 138 12.29 16.56 9.68
N TYR B 139 13.27 17.17 9.01
CA TYR B 139 14.58 17.34 9.62
C TYR B 139 14.52 18.27 10.82
N LEU B 140 13.70 19.32 10.74
CA LEU B 140 13.55 20.24 11.87
C LEU B 140 12.99 19.52 13.08
N ILE B 141 11.93 18.73 12.87
CA ILE B 141 11.29 18.04 13.99
C ILE B 141 12.24 17.02 14.60
N SER B 142 12.92 16.23 13.75
CA SER B 142 13.92 15.30 14.26
C SER B 142 14.96 16.01 15.12
N ASP B 143 15.55 17.08 14.59
CA ASP B 143 16.55 17.82 15.35
C ASP B 143 16.01 18.23 16.71
N VAL B 144 14.83 18.86 16.74
CA VAL B 144 14.28 19.36 18.00
C VAL B 144 13.98 18.21 18.95
N CYS B 145 13.46 17.10 18.43
CA CYS B 145 13.19 15.94 19.27
C CYS B 145 14.48 15.41 19.89
N VAL B 146 15.57 15.38 19.12
CA VAL B 146 16.85 14.97 19.69
C VAL B 146 17.27 15.90 20.80
N LEU B 147 17.14 17.22 20.58
CA LEU B 147 17.64 18.17 21.56
C LEU B 147 16.77 18.20 22.82
N LEU B 148 15.46 17.99 22.68
CA LEU B 148 14.55 18.01 23.82
C LEU B 148 14.24 16.62 24.36
N GLY B 149 14.89 15.58 23.84
CA GLY B 149 14.70 14.25 24.36
C GLY B 149 13.29 13.71 24.19
N LYS B 150 12.80 13.64 22.96
CA LYS B 150 11.45 13.19 22.69
C LYS B 150 11.48 12.01 21.72
N PRO B 151 10.61 11.01 21.91
CA PRO B 151 10.43 9.98 20.88
C PRO B 151 9.59 10.52 19.74
N LEU B 152 9.98 10.16 18.52
CA LEU B 152 9.36 10.69 17.31
C LEU B 152 8.83 9.56 16.45
N VAL B 153 7.55 9.67 16.08
CA VAL B 153 6.94 8.77 15.09
C VAL B 153 6.72 9.61 13.84
N SER B 154 7.49 9.32 12.79
CA SER B 154 7.47 10.11 11.57
C SER B 154 7.00 9.27 10.39
N ALA B 155 6.13 9.84 9.58
CA ALA B 155 5.61 9.20 8.37
C ALA B 155 5.65 10.20 7.22
N ALA B 156 5.55 9.68 6.00
CA ALA B 156 5.69 10.53 4.83
C ALA B 156 5.08 9.86 3.61
N SER B 157 4.81 10.69 2.60
CA SER B 157 4.49 10.24 1.25
C SER B 157 5.72 10.45 0.38
N VAL B 158 6.09 9.43 -0.40
CA VAL B 158 7.24 9.52 -1.29
C VAL B 158 6.92 8.73 -2.54
N GLN B 159 6.77 9.42 -3.66
CA GLN B 159 6.47 8.79 -4.96
C GLN B 159 5.14 8.08 -4.81
N LYS B 160 5.03 6.80 -5.18
CA LYS B 160 3.79 6.05 -5.07
C LYS B 160 3.73 5.21 -3.80
N SER B 161 4.37 5.68 -2.73
CA SER B 161 4.53 4.87 -1.54
C SER B 161 4.39 5.74 -0.29
N GLY B 162 4.33 5.06 0.86
CA GLY B 162 4.38 5.74 2.13
C GLY B 162 5.46 5.13 3.00
N GLN B 163 5.81 5.84 4.07
CA GLN B 163 6.89 5.43 4.94
C GLN B 163 6.54 5.73 6.39
N LEU B 164 7.15 4.96 7.29
CA LEU B 164 6.95 5.15 8.72
C LEU B 164 8.17 4.64 9.47
N ILE B 165 8.56 5.35 10.52
CA ILE B 165 9.70 4.95 11.34
C ILE B 165 9.59 5.61 12.70
N VAL B 166 9.98 4.88 13.73
CA VAL B 166 10.06 5.38 15.10
C VAL B 166 11.51 5.74 15.38
N LEU B 167 11.73 6.97 15.87
CA LEU B 167 13.06 7.51 16.04
C LEU B 167 13.27 7.97 17.47
N ASN B 168 14.52 7.92 17.90
CA ASN B 168 14.93 8.43 19.21
C ASN B 168 14.04 7.90 20.32
N CYS B 169 13.73 6.61 20.25
CA CYS B 169 12.87 5.95 21.24
C CYS B 169 13.55 4.68 21.69
N PRO B 170 13.90 4.53 22.98
CA PRO B 170 13.77 5.57 24.01
C PRO B 170 14.79 6.69 23.79
N PRO B 171 14.42 7.93 24.08
CA PRO B 171 15.32 9.06 23.77
C PRO B 171 16.65 8.95 24.51
N THR B 172 17.71 9.38 23.84
CA THR B 172 19.06 9.41 24.40
C THR B 172 19.65 10.80 24.21
N PRO B 173 20.26 11.40 25.22
CA PRO B 173 20.79 12.76 25.07
C PRO B 173 21.75 12.88 23.90
N GLN B 174 21.77 14.08 23.31
CA GLN B 174 22.66 14.39 22.20
C GLN B 174 24.11 14.14 22.60
N GLY B 175 24.86 13.50 21.70
CA GLY B 175 26.28 13.29 21.88
C GLY B 175 26.67 12.01 22.60
N VAL B 176 25.74 11.33 23.24
CA VAL B 176 26.05 10.08 23.95
C VAL B 176 26.19 8.98 22.92
N VAL B 177 27.39 8.39 22.84
CA VAL B 177 27.67 7.35 21.86
C VAL B 177 28.48 6.22 22.46
N ASN B 178 28.55 6.18 23.80
CA ASN B 178 29.21 5.09 24.50
C ASN B 178 28.24 4.00 24.91
N LYS B 179 27.07 3.93 24.28
CA LYS B 179 26.08 2.91 24.55
C LYS B 179 25.17 2.80 23.33
N LYS B 180 24.38 1.73 23.29
CA LYS B 180 23.42 1.56 22.21
C LYS B 180 22.35 2.64 22.33
N ALA B 181 22.04 3.28 21.20
CA ALA B 181 21.07 4.38 21.18
C ALA B 181 20.30 4.36 19.87
N ALA B 182 19.05 4.81 19.93
CA ALA B 182 18.21 4.84 18.75
C ALA B 182 18.66 5.95 17.82
N PRO B 183 18.42 5.80 16.52
CA PRO B 183 18.84 6.83 15.56
C PRO B 183 17.88 8.00 15.53
N CYS B 184 18.37 9.11 14.96
CA CYS B 184 17.53 10.23 14.59
C CYS B 184 17.27 10.17 13.08
N TYR B 185 16.49 11.12 12.57
CA TYR B 185 16.15 11.08 11.15
C TYR B 185 17.38 11.30 10.26
N ARG B 186 18.36 12.08 10.73
CA ARG B 186 19.58 12.26 9.96
C ARG B 186 20.42 10.99 9.95
N CYS B 187 20.46 10.27 11.07
CA CYS B 187 21.17 8.99 11.13
C CYS B 187 20.72 8.06 10.00
N CYS B 188 19.45 8.16 9.59
CA CYS B 188 18.90 7.25 8.59
C CYS B 188 19.00 7.81 7.18
N PHE B 189 18.83 9.11 7.00
CA PHE B 189 18.70 9.71 5.67
C PHE B 189 19.56 10.94 5.55
N LYS B 190 20.31 11.02 4.45
CA LYS B 190 21.12 12.18 4.12
C LYS B 190 21.71 12.89 5.33
N GLY B 205 0.41 14.44 -5.99
CA GLY B 205 -0.57 13.38 -6.24
C GLY B 205 -0.40 12.20 -5.32
N ILE B 206 -1.38 11.97 -4.45
CA ILE B 206 -1.30 10.91 -3.46
C ILE B 206 -2.68 10.25 -3.36
N MET B 207 -2.67 8.93 -3.16
CA MET B 207 -3.89 8.18 -2.92
C MET B 207 -4.25 8.19 -1.45
N GLY B 208 -5.54 8.27 -1.15
CA GLY B 208 -6.02 8.32 0.20
C GLY B 208 -5.60 7.12 1.04
N PRO B 209 -5.88 5.92 0.55
CA PRO B 209 -5.53 4.72 1.34
C PRO B 209 -4.06 4.66 1.72
N VAL B 210 -3.17 5.12 0.84
CA VAL B 210 -1.74 5.11 1.17
C VAL B 210 -1.48 5.95 2.42
N VAL B 211 -1.78 7.25 2.34
CA VAL B 211 -1.53 8.13 3.47
C VAL B 211 -2.40 7.75 4.65
N GLY B 212 -3.59 7.21 4.39
CA GLY B 212 -4.45 6.76 5.49
C GLY B 212 -3.84 5.60 6.26
N MET B 213 -3.22 4.65 5.56
CA MET B 213 -2.63 3.50 6.24
C MET B 213 -1.44 3.91 7.09
N MET B 214 -0.60 4.83 6.60
CA MET B 214 0.53 5.29 7.39
C MET B 214 0.04 6.03 8.63
N GLY B 215 -1.00 6.85 8.50
CA GLY B 215 -1.51 7.57 9.65
C GLY B 215 -2.04 6.63 10.72
N VAL B 216 -2.85 5.65 10.32
CA VAL B 216 -3.33 4.66 11.29
C VAL B 216 -2.14 3.96 11.94
N ALA B 217 -1.14 3.58 11.14
CA ALA B 217 0.06 2.95 11.69
C ALA B 217 0.75 3.86 12.70
N GLN B 218 0.78 5.18 12.43
CA GLN B 218 1.38 6.10 13.38
C GLN B 218 0.68 6.06 14.72
N ALA B 219 -0.66 6.04 14.72
CA ALA B 219 -1.40 5.95 15.97
C ALA B 219 -1.10 4.65 16.69
N GLY B 220 -1.07 3.55 15.94
CA GLY B 220 -0.75 2.26 16.56
C GLY B 220 0.59 2.27 17.27
N GLU B 221 1.56 3.00 16.72
CA GLU B 221 2.88 3.05 17.35
C GLU B 221 2.86 3.93 18.59
N ALA B 222 2.23 5.10 18.51
CA ALA B 222 2.13 5.96 19.68
C ALA B 222 1.46 5.24 20.84
N ILE B 223 0.41 4.46 20.55
CA ILE B 223 -0.26 3.70 21.59
C ILE B 223 0.68 2.65 22.16
N LYS B 224 1.42 1.94 21.30
CA LYS B 224 2.41 0.98 21.79
C LYS B 224 3.38 1.63 22.77
N ILE B 225 3.93 2.79 22.39
CA ILE B 225 4.95 3.44 23.22
C ILE B 225 4.39 3.77 24.60
N LEU B 226 3.20 4.38 24.64
CA LEU B 226 2.65 4.82 25.91
C LEU B 226 2.21 3.65 26.78
N VAL B 227 1.62 2.62 26.18
CA VAL B 227 1.08 1.52 26.97
C VAL B 227 2.20 0.68 27.57
N SER B 228 3.21 0.36 26.77
CA SER B 228 4.35 -0.44 27.24
C SER B 228 5.52 0.42 27.71
N GLN B 229 5.36 1.74 27.74
CA GLN B 229 6.43 2.63 28.20
C GLN B 229 7.73 2.38 27.44
N LEU B 230 7.62 2.22 26.12
CA LEU B 230 8.78 1.96 25.29
C LEU B 230 9.73 3.16 25.23
N HIS B 231 9.26 4.35 25.61
CA HIS B 231 10.09 5.54 25.66
C HIS B 231 10.78 5.73 27.01
N MET B 232 10.65 4.75 27.93
CA MET B 232 11.35 4.83 29.21
C MET B 232 12.67 4.07 29.13
N PRO B 233 13.69 4.49 29.87
CA PRO B 233 14.99 3.83 29.77
C PRO B 233 14.94 2.42 30.33
N PRO B 234 15.87 1.56 29.96
CA PRO B 234 15.95 0.22 30.55
C PRO B 234 16.56 0.28 31.94
N LYS B 235 16.38 -0.82 32.68
CA LYS B 235 16.97 -0.93 34.01
C LYS B 235 18.47 -0.67 33.93
N GLU B 236 19.01 -0.05 34.98
CA GLU B 236 20.42 0.35 34.98
C GLU B 236 21.29 -0.85 34.62
N GLY B 237 22.22 -0.62 33.69
CA GLY B 237 23.12 -1.66 33.24
C GLY B 237 22.50 -2.65 32.27
N GLU B 238 21.21 -2.54 31.99
CA GLU B 238 20.55 -3.44 31.05
C GLU B 238 20.34 -2.73 29.71
N GLU B 239 20.35 -3.52 28.65
CA GLU B 239 20.12 -3.00 27.31
C GLU B 239 18.63 -3.09 26.95
N VAL B 240 18.24 -2.32 25.94
CA VAL B 240 16.89 -2.41 25.40
C VAL B 240 16.80 -3.65 24.53
N SER B 241 15.82 -4.50 24.81
CA SER B 241 15.68 -5.75 24.07
C SER B 241 15.62 -5.47 22.58
N PRO B 242 16.46 -6.12 21.77
CA PRO B 242 16.37 -5.90 20.32
C PRO B 242 15.03 -6.31 19.73
N GLU B 243 14.30 -7.21 20.39
CA GLU B 243 12.99 -7.60 19.89
C GLU B 243 11.98 -6.46 19.93
N LYS B 244 12.24 -5.41 20.72
CA LYS B 244 11.36 -4.24 20.73
C LYS B 244 11.53 -3.36 19.50
N ASN B 245 12.58 -3.59 18.69
CA ASN B 245 12.79 -2.85 17.45
C ASN B 245 12.84 -1.34 17.70
N LEU B 246 13.59 -0.95 18.73
CA LEU B 246 13.71 0.45 19.11
C LEU B 246 15.10 1.01 18.82
N VAL B 247 16.15 0.40 19.37
CA VAL B 247 17.50 0.91 19.14
C VAL B 247 17.86 0.82 17.66
N GLN B 248 17.45 -0.27 17.00
CA GLN B 248 17.61 -0.43 15.55
C GLN B 248 16.21 -0.56 14.98
N PRO B 249 15.55 0.55 14.65
CA PRO B 249 14.14 0.48 14.24
C PRO B 249 13.99 0.04 12.78
N THR B 250 12.76 -0.29 12.42
CA THR B 250 12.42 -0.70 11.07
C THR B 250 11.88 0.49 10.29
N LEU B 251 12.32 0.60 9.04
CA LEU B 251 11.75 1.57 8.12
C LEU B 251 10.67 0.85 7.30
N LEU B 252 9.41 1.16 7.58
CA LEU B 252 8.29 0.55 6.86
C LEU B 252 8.04 1.33 5.58
N ILE B 253 7.97 0.62 4.47
CA ILE B 253 7.70 1.22 3.16
C ILE B 253 6.55 0.45 2.52
N TYR B 254 5.45 1.14 2.28
CA TYR B 254 4.29 0.56 1.62
C TYR B 254 4.17 1.14 0.22
N THR B 255 4.28 0.29 -0.79
CA THR B 255 4.19 0.69 -2.19
C THR B 255 2.81 0.33 -2.73
N TYR B 256 2.18 1.30 -3.38
CA TYR B 256 0.79 1.19 -3.84
C TYR B 256 0.78 1.40 -5.35
N ASP B 257 0.42 0.36 -6.09
CA ASP B 257 0.33 0.41 -7.55
C ASP B 257 -1.09 0.10 -7.97
N LEU B 258 -1.68 0.99 -8.76
CA LEU B 258 -3.10 0.88 -9.09
C LEU B 258 -3.40 -0.31 -10.00
N ASN B 259 -2.39 -0.88 -10.65
CA ASN B 259 -2.61 -1.97 -11.61
C ASN B 259 -2.18 -3.32 -11.06
N SER B 260 -2.02 -3.43 -9.74
CA SER B 260 -1.56 -4.68 -9.14
C SER B 260 -2.11 -4.79 -7.72
N ALA B 261 -2.90 -5.83 -7.47
CA ALA B 261 -3.37 -6.09 -6.12
C ALA B 261 -2.20 -6.26 -5.17
N ILE B 262 -2.50 -6.17 -3.87
CA ILE B 262 -1.47 -6.25 -2.84
C ILE B 262 -0.61 -7.49 -3.07
N GLY B 263 0.71 -7.30 -3.05
CA GLY B 263 1.64 -8.36 -3.31
C GLY B 263 2.44 -8.77 -2.09
N PRO B 264 3.32 -9.77 -2.25
CA PRO B 264 4.11 -10.23 -1.09
C PRO B 264 5.12 -9.21 -0.60
N TYR B 265 5.53 -8.24 -1.42
CA TYR B 265 6.54 -7.28 -1.01
C TYR B 265 6.10 -5.85 -1.29
N SER B 266 4.78 -5.61 -1.32
CA SER B 266 4.28 -4.25 -1.29
C SER B 266 4.69 -3.55 0.01
N PHE B 267 4.77 -4.30 1.10
CA PHE B 267 5.32 -3.82 2.37
C PHE B 267 6.77 -4.28 2.47
N ARG B 268 7.69 -3.33 2.62
CA ARG B 268 9.09 -3.63 2.87
C ARG B 268 9.47 -3.11 4.26
N ALA B 269 10.07 -3.97 5.06
CA ALA B 269 10.55 -3.63 6.40
C ALA B 269 12.08 -3.65 6.35
N LEU B 270 12.68 -2.45 6.28
CA LEU B 270 14.12 -2.31 6.22
C LEU B 270 14.64 -1.99 7.61
N LYS B 271 15.53 -2.83 8.13
CA LYS B 271 16.11 -2.57 9.44
C LYS B 271 17.12 -1.43 9.35
N MET B 272 17.00 -0.46 10.25
CA MET B 272 17.90 0.68 10.30
C MET B 272 19.00 0.46 11.33
N GLY B 273 20.10 1.18 11.15
CA GLY B 273 21.15 1.17 12.14
C GLY B 273 20.81 2.06 13.32
N GLY B 274 21.62 1.92 14.37
CA GLY B 274 21.48 2.77 15.54
C GLY B 274 22.04 4.16 15.30
N ARG B 275 22.14 4.92 16.39
CA ARG B 275 22.70 6.25 16.33
C ARG B 275 24.09 6.21 15.71
N LYS B 276 24.32 7.09 14.73
CA LYS B 276 25.64 7.20 14.13
C LYS B 276 26.54 8.09 14.97
N LYS B 277 27.79 7.67 15.13
CA LYS B 277 28.71 8.41 15.98
C LYS B 277 29.02 9.79 15.42
N ASP B 278 28.92 9.96 14.10
CA ASP B 278 29.26 11.22 13.45
C ASP B 278 28.03 11.94 12.90
N CYS B 279 26.85 11.69 13.48
CA CYS B 279 25.64 12.32 13.00
C CYS B 279 25.67 13.82 13.29
N PHE B 280 25.32 14.62 12.29
CA PHE B 280 25.33 16.07 12.44
C PHE B 280 24.54 16.51 13.67
N ALA B 281 23.45 15.81 13.99
CA ALA B 281 22.52 16.25 15.02
C ALA B 281 22.72 15.54 16.35
N CYS B 282 22.75 14.21 16.36
CA CYS B 282 22.83 13.44 17.60
C CYS B 282 24.19 12.80 17.83
N GLY B 283 25.14 12.98 16.92
CA GLY B 283 26.42 12.32 17.01
C GLY B 283 27.37 13.00 17.98
N GLU B 284 28.58 12.44 18.05
CA GLU B 284 29.63 12.99 18.88
C GLU B 284 30.04 14.38 18.37
N ASN B 285 30.35 15.27 19.30
CA ASN B 285 30.83 16.61 18.97
C ASN B 285 29.81 17.40 18.15
N SER B 286 28.53 17.06 18.28
CA SER B 286 27.49 17.80 17.58
C SER B 286 27.52 19.26 18.00
N THR B 287 27.37 20.14 17.02
CA THR B 287 27.28 21.58 17.26
C THR B 287 25.87 22.12 17.04
N LEU B 288 24.90 21.24 16.80
CA LEU B 288 23.51 21.64 16.70
C LEU B 288 23.00 22.05 18.08
N THR B 289 22.30 23.19 18.14
CA THR B 289 21.79 23.70 19.39
C THR B 289 20.41 24.30 19.17
N LEU B 290 19.66 24.45 20.26
CA LEU B 290 18.35 25.09 20.19
C LEU B 290 18.48 26.56 19.79
N ASP B 291 19.51 27.25 20.30
CA ASP B 291 19.75 28.63 19.89
C ASP B 291 20.02 28.72 18.40
N GLY B 292 20.84 27.80 17.88
CA GLY B 292 21.15 27.84 16.45
C GLY B 292 19.91 27.67 15.59
N ILE B 293 19.08 26.68 15.92
CA ILE B 293 17.86 26.43 15.15
C ILE B 293 17.00 27.69 15.10
N LYS B 294 16.83 28.35 16.24
CA LYS B 294 16.04 29.58 16.28
C LYS B 294 16.61 30.65 15.35
N SER B 295 17.94 30.70 15.22
CA SER B 295 18.61 31.78 14.52
C SER B 295 18.90 31.47 13.06
N GLY B 296 18.42 30.33 12.55
CA GLY B 296 18.66 29.96 11.17
C GLY B 296 19.90 29.14 10.93
N ASN B 297 20.51 28.58 11.97
CA ASN B 297 21.67 27.70 11.83
C ASN B 297 21.38 26.37 12.52
N PRO B 298 21.13 25.27 11.78
CA PRO B 298 21.19 25.17 10.32
C PRO B 298 20.00 25.80 9.61
N ASN B 299 20.07 25.85 8.28
CA ASN B 299 18.99 26.36 7.46
C ASN B 299 18.26 25.20 6.82
N TYR B 300 16.95 25.14 7.02
CA TYR B 300 16.12 24.03 6.52
C TYR B 300 15.62 24.42 5.14
N VAL B 301 16.44 24.15 4.12
CA VAL B 301 16.12 24.51 2.75
C VAL B 301 15.00 23.61 2.24
N GLN B 302 14.06 24.21 1.50
CA GLN B 302 12.98 23.44 0.88
C GLN B 302 13.57 22.40 -0.06
N PHE B 303 13.23 21.13 0.19
CA PHE B 303 13.78 20.03 -0.59
C PHE B 303 12.80 19.59 -1.67
N ASP C 1 1.68 13.05 -19.82
CA ASP C 1 2.98 12.52 -20.18
C ASP C 1 2.88 11.11 -20.75
N ARG C 2 1.65 10.60 -20.82
CA ARG C 2 1.41 9.27 -21.37
C ARG C 2 0.21 9.34 -22.31
N ILE C 3 0.09 8.30 -23.14
CA ILE C 3 -1.04 8.19 -24.07
C ILE C 3 -1.35 6.71 -24.27
N THR C 4 -2.62 6.39 -24.41
CA THR C 4 -3.05 5.03 -24.63
C THR C 4 -2.79 4.62 -26.08
N ALA C 5 -2.71 3.31 -26.30
CA ALA C 5 -2.51 2.80 -27.65
C ALA C 5 -3.64 3.24 -28.58
N THR C 6 -4.88 3.18 -28.09
CA THR C 6 -6.02 3.59 -28.91
C THR C 6 -5.97 5.08 -29.20
N ALA C 7 -5.74 5.90 -28.17
CA ALA C 7 -5.69 7.35 -28.38
C ALA C 7 -4.58 7.72 -29.35
N TYR C 8 -3.41 7.11 -29.21
CA TYR C 8 -2.30 7.40 -30.11
C TYR C 8 -2.66 7.02 -31.55
N ASN C 9 -3.37 5.91 -31.73
CA ASN C 9 -3.80 5.51 -33.07
C ASN C 9 -4.89 6.43 -33.59
N GLU C 10 -5.85 6.79 -32.73
CA GLU C 10 -6.91 7.70 -33.14
C GLU C 10 -6.37 9.09 -33.47
N LYS C 11 -5.44 9.59 -32.65
CA LYS C 11 -4.89 10.91 -32.90
C LYS C 11 -3.94 10.90 -34.10
N ARG C 12 -3.35 9.75 -34.43
CA ARG C 12 -2.55 9.65 -35.65
C ARG C 12 -3.44 9.66 -36.88
N ARG C 13 -4.57 8.94 -36.83
CA ARG C 13 -5.45 8.87 -37.98
C ARG C 13 -6.13 10.21 -38.26
N ASN C 14 -6.43 10.97 -37.21
CA ASN C 14 -6.87 12.34 -37.36
C ASN C 14 -5.66 13.26 -37.20
N GLY C 15 -5.90 14.56 -37.14
CA GLY C 15 -4.82 15.53 -37.17
C GLY C 15 -4.30 15.98 -35.82
N GLU C 16 -4.89 15.53 -34.71
CA GLU C 16 -4.50 16.02 -33.40
C GLU C 16 -3.01 15.85 -33.14
N LEU C 17 -2.43 14.76 -33.64
CA LEU C 17 -1.01 14.44 -33.41
C LEU C 17 -0.37 14.16 -34.77
N GLY C 18 0.29 15.18 -35.33
CA GLY C 18 0.97 15.03 -36.60
C GLY C 18 2.40 15.51 -36.52
N GLU C 19 3.19 15.10 -37.51
CA GLU C 19 4.63 15.36 -37.55
C GLU C 19 5.28 15.14 -36.18
N HIS C 20 5.49 13.88 -35.81
CA HIS C 20 6.13 13.54 -34.55
C HIS C 20 7.22 12.50 -34.80
N ILE C 21 8.03 12.26 -33.77
CA ILE C 21 9.07 11.23 -33.80
C ILE C 21 8.62 10.06 -32.93
N LEU C 22 8.80 8.84 -33.44
CA LEU C 22 8.37 7.64 -32.77
C LEU C 22 9.58 6.76 -32.50
N LEU C 23 9.87 6.53 -31.22
CA LEU C 23 11.04 5.76 -30.80
C LEU C 23 10.59 4.41 -30.26
N ASP C 24 11.10 3.34 -30.86
CA ASP C 24 10.85 1.97 -30.41
C ASP C 24 12.08 1.50 -29.65
N THR C 25 11.96 1.39 -28.33
CA THR C 25 13.10 1.14 -27.47
C THR C 25 13.37 -0.34 -27.23
N ARG C 26 12.67 -1.24 -27.93
CA ARG C 26 12.95 -2.65 -27.78
C ARG C 26 14.33 -2.99 -28.34
N GLU C 27 14.84 -4.15 -27.94
CA GLU C 27 16.13 -4.60 -28.42
C GLU C 27 16.05 -4.97 -29.90
N LYS C 28 17.20 -4.96 -30.56
CA LYS C 28 17.25 -5.14 -32.01
C LYS C 28 16.46 -6.37 -32.45
N GLU C 29 16.72 -7.51 -31.80
CA GLU C 29 16.05 -8.75 -32.18
C GLU C 29 14.52 -8.58 -32.14
N HIS C 30 14.02 -7.97 -31.06
CA HIS C 30 12.57 -7.76 -30.96
C HIS C 30 12.08 -6.81 -32.05
N PHE C 31 12.82 -5.74 -32.32
CA PHE C 31 12.40 -4.76 -33.31
C PHE C 31 12.34 -5.35 -34.71
N SER C 32 13.07 -6.43 -34.98
CA SER C 32 13.06 -7.03 -36.31
C SER C 32 11.80 -7.85 -36.57
N PHE C 33 11.10 -8.28 -35.51
CA PHE C 33 9.88 -9.06 -35.69
C PHE C 33 8.76 -8.24 -36.32
N GLY C 34 8.74 -6.95 -36.06
CA GLY C 34 7.66 -6.08 -36.50
C GLY C 34 7.70 -4.77 -35.77
N SER C 35 7.05 -3.77 -36.37
CA SER C 35 7.16 -2.42 -35.85
C SER C 35 5.92 -1.61 -36.20
N ILE C 36 5.75 -0.50 -35.50
CA ILE C 36 4.76 0.50 -35.89
C ILE C 36 5.30 1.28 -37.08
N PRO C 37 4.54 1.41 -38.17
CA PRO C 37 5.07 2.09 -39.35
C PRO C 37 5.61 3.47 -39.01
N GLY C 38 6.86 3.70 -39.38
CA GLY C 38 7.52 4.96 -39.10
C GLY C 38 8.27 5.03 -37.79
N ALA C 39 8.44 3.90 -37.10
CA ALA C 39 9.14 3.86 -35.84
C ALA C 39 10.62 3.56 -36.06
N VAL C 40 11.48 4.34 -35.42
CA VAL C 40 12.93 4.15 -35.50
C VAL C 40 13.38 3.42 -34.23
N ASN C 41 14.20 2.40 -34.40
CA ASN C 41 14.66 1.59 -33.28
C ASN C 41 15.75 2.30 -32.51
N VAL C 42 15.59 2.39 -31.20
CA VAL C 42 16.61 2.94 -30.32
C VAL C 42 16.79 1.98 -29.14
N PRO C 43 17.64 0.96 -29.27
CA PRO C 43 17.73 -0.07 -28.24
C PRO C 43 17.88 0.52 -26.84
N PHE C 44 17.02 0.06 -25.93
CA PHE C 44 17.07 0.53 -24.54
C PHE C 44 18.44 0.25 -23.92
N SER C 45 19.00 -0.94 -24.17
CA SER C 45 20.29 -1.29 -23.59
C SER C 45 21.36 -0.29 -23.97
N LYS C 46 21.44 0.07 -25.25
CA LYS C 46 22.44 1.04 -25.70
C LYS C 46 22.03 2.47 -25.34
N PHE C 47 20.74 2.73 -25.25
CA PHE C 47 20.26 4.08 -24.92
C PHE C 47 20.81 4.55 -23.58
N LEU C 48 20.69 3.70 -22.55
CA LEU C 48 21.12 4.10 -21.22
C LEU C 48 22.63 4.34 -21.16
N VAL C 49 23.40 3.51 -21.87
CA VAL C 49 24.85 3.66 -21.84
C VAL C 49 25.26 4.96 -22.54
N LYS C 50 24.75 5.19 -23.75
CA LYS C 50 25.05 6.42 -24.46
C LYS C 50 24.56 7.64 -23.69
N ALA C 51 23.48 7.48 -22.93
CA ALA C 51 22.92 8.62 -22.19
C ALA C 51 23.81 9.00 -21.02
N SER C 52 24.40 8.02 -20.34
CA SER C 52 25.23 8.32 -19.17
C SER C 52 26.59 8.85 -19.57
N SER C 53 27.16 8.34 -20.67
CA SER C 53 28.45 8.83 -21.15
C SER C 53 28.37 10.28 -21.61
N ILE C 54 27.19 10.77 -21.94
CA ILE C 54 27.03 12.17 -22.32
C ILE C 54 26.93 13.06 -21.09
N LYS C 55 26.47 12.51 -19.96
CA LYS C 55 26.35 13.28 -18.73
C LYS C 55 27.60 13.11 -17.86
N SER C 71 8.85 21.35 -36.11
CA SER C 71 9.92 20.37 -36.20
C SER C 71 10.71 20.34 -34.89
N ASP C 72 10.86 21.51 -34.27
CA ASP C 72 11.48 21.61 -32.95
C ASP C 72 10.46 21.66 -31.83
N GLU C 73 9.24 22.12 -32.11
CA GLU C 73 8.13 22.01 -31.18
C GLU C 73 7.31 20.74 -31.42
N ALA C 74 7.90 19.72 -32.10
CA ALA C 74 7.23 18.49 -32.46
C ALA C 74 7.30 17.48 -31.32
N PRO C 75 6.28 16.64 -31.14
CA PRO C 75 6.27 15.72 -30.01
C PRO C 75 7.17 14.51 -30.26
N ILE C 76 7.50 13.84 -29.16
CA ILE C 76 8.23 12.59 -29.18
C ILE C 76 7.39 11.53 -28.49
N VAL C 77 7.31 10.34 -29.10
CA VAL C 77 6.54 9.22 -28.57
C VAL C 77 7.47 8.04 -28.39
N VAL C 78 7.46 7.45 -27.19
CA VAL C 78 8.27 6.28 -26.88
C VAL C 78 7.33 5.09 -26.70
N VAL C 79 7.82 3.92 -27.06
CA VAL C 79 7.05 2.68 -26.91
C VAL C 79 8.02 1.52 -26.76
N CYS C 80 7.68 0.60 -25.86
CA CYS C 80 8.55 -0.53 -25.55
C CYS C 80 7.71 -1.82 -25.66
N ARG C 81 8.16 -2.87 -24.96
CA ARG C 81 7.46 -4.14 -25.00
C ARG C 81 6.08 -4.03 -24.35
N ARG C 82 6.05 -3.68 -23.06
CA ARG C 82 4.82 -3.65 -22.30
C ARG C 82 4.63 -2.34 -21.53
N GLY C 83 5.37 -1.30 -21.89
CA GLY C 83 5.24 -0.03 -21.22
C GLY C 83 5.87 0.04 -19.84
N GLN C 84 6.88 -0.80 -19.59
CA GLN C 84 7.54 -0.83 -18.28
C GLN C 84 8.81 0.00 -18.22
N ASP C 85 9.61 -0.01 -19.28
CA ASP C 85 10.82 0.81 -19.36
C ASP C 85 10.61 2.08 -20.19
N SER C 86 9.41 2.28 -20.74
CA SER C 86 9.17 3.46 -21.56
C SER C 86 9.24 4.74 -20.72
N GLN C 87 8.73 4.69 -19.49
CA GLN C 87 8.66 5.90 -18.67
C GLN C 87 10.05 6.40 -18.31
N GLU C 88 10.98 5.50 -18.00
CA GLU C 88 12.35 5.91 -17.69
C GLU C 88 12.96 6.64 -18.88
N VAL C 89 12.81 6.09 -20.08
CA VAL C 89 13.32 6.75 -21.28
C VAL C 89 12.80 8.18 -21.35
N VAL C 90 11.50 8.36 -21.17
CA VAL C 90 10.90 9.69 -21.21
C VAL C 90 11.50 10.56 -20.10
N GLU C 91 11.77 9.97 -18.94
CA GLU C 91 12.27 10.75 -17.82
C GLU C 91 13.66 11.32 -18.10
N LYS C 92 14.51 10.55 -18.78
CA LYS C 92 15.87 11.00 -19.03
C LYS C 92 15.94 12.01 -20.16
N LEU C 93 15.03 11.92 -21.14
CA LEU C 93 15.01 12.90 -22.22
C LEU C 93 14.72 14.29 -21.67
N LYS C 94 13.72 14.41 -20.78
CA LYS C 94 13.40 15.70 -20.18
C LYS C 94 14.51 16.16 -19.24
N GLU C 95 15.21 15.22 -18.61
CA GLU C 95 16.31 15.60 -17.71
C GLU C 95 17.45 16.27 -18.47
N LEU C 96 17.58 15.98 -19.76
CA LEU C 96 18.60 16.59 -20.61
C LEU C 96 18.10 17.81 -21.36
N GLY C 97 16.90 18.27 -21.06
CA GLY C 97 16.37 19.47 -21.70
C GLY C 97 15.90 19.28 -23.12
N LEU C 98 15.44 18.07 -23.47
CA LEU C 98 14.97 17.81 -24.82
C LEU C 98 13.51 18.21 -25.02
N ASP C 99 12.83 18.67 -23.97
CA ASP C 99 11.45 19.13 -24.09
C ASP C 99 11.35 20.64 -24.31
N ASN C 100 12.46 21.32 -24.53
CA ASN C 100 12.46 22.76 -24.76
C ASN C 100 11.76 23.49 -23.62
N GLY C 101 12.01 23.03 -22.40
CA GLY C 101 11.37 23.58 -21.22
C GLY C 101 9.92 23.25 -21.05
N GLY C 102 9.27 22.69 -22.06
CA GLY C 102 7.86 22.37 -21.98
C GLY C 102 7.15 22.56 -23.30
N LYS C 103 7.80 23.24 -24.25
CA LYS C 103 7.20 23.43 -25.56
C LYS C 103 7.15 22.14 -26.36
N ARG C 104 8.11 21.24 -26.14
CA ARG C 104 8.15 19.95 -26.82
C ARG C 104 7.69 18.86 -25.86
N LYS C 105 6.58 18.20 -26.19
CA LYS C 105 6.02 17.16 -25.35
C LYS C 105 6.62 15.81 -25.69
N ILE C 106 6.94 15.04 -24.66
CA ILE C 106 7.52 13.72 -24.80
C ILE C 106 6.64 12.74 -24.05
N MET C 107 6.16 11.71 -24.73
CA MET C 107 5.19 10.78 -24.16
C MET C 107 5.66 9.35 -24.38
N ASP C 108 4.94 8.41 -23.77
CA ASP C 108 5.12 7.00 -24.03
C ASP C 108 3.75 6.33 -24.13
N ILE C 109 3.72 5.21 -24.83
CA ILE C 109 2.48 4.48 -25.07
C ILE C 109 2.20 3.56 -23.90
N VAL C 110 1.03 3.73 -23.27
CA VAL C 110 0.66 2.89 -22.15
C VAL C 110 0.52 1.45 -22.61
N GLY C 111 1.17 0.54 -21.88
CA GLY C 111 1.13 -0.86 -22.21
C GLY C 111 2.06 -1.29 -23.33
N GLY C 112 2.77 -0.35 -23.95
CA GLY C 112 3.76 -0.69 -24.95
C GLY C 112 3.15 -1.40 -26.14
N MET C 113 3.99 -2.19 -26.81
CA MET C 113 3.56 -2.89 -28.02
C MET C 113 2.51 -3.95 -27.71
N LYS C 114 2.48 -4.47 -26.49
CA LYS C 114 1.44 -5.42 -26.11
C LYS C 114 0.08 -4.75 -26.13
N ALA C 115 -0.03 -3.55 -25.55
CA ALA C 115 -1.27 -2.79 -25.63
C ALA C 115 -1.64 -2.51 -27.08
N TRP C 116 -0.66 -2.19 -27.92
CA TRP C 116 -0.93 -1.97 -29.33
C TRP C 116 -1.62 -3.18 -29.96
N ARG C 117 -1.08 -4.38 -29.70
CA ARG C 117 -1.69 -5.58 -30.23
C ARG C 117 -3.11 -5.76 -29.69
N ASP C 118 -3.28 -5.59 -28.37
CA ASP C 118 -4.58 -5.84 -27.75
C ASP C 118 -5.61 -4.77 -28.07
N GLU C 119 -5.18 -3.60 -28.53
CA GLU C 119 -6.10 -2.46 -28.68
C GLU C 119 -6.36 -2.05 -30.12
N VAL C 120 -5.39 -2.20 -31.03
CA VAL C 120 -5.56 -1.64 -32.36
C VAL C 120 -5.21 -2.64 -33.46
N ASP C 121 -4.19 -3.46 -33.24
CA ASP C 121 -3.66 -4.35 -34.27
C ASP C 121 -3.57 -5.76 -33.73
N PRO C 122 -4.68 -6.52 -33.73
CA PRO C 122 -4.63 -7.90 -33.22
C PRO C 122 -3.71 -8.82 -34.01
N ASP C 123 -3.24 -8.40 -35.18
CA ASP C 123 -2.36 -9.23 -36.00
C ASP C 123 -0.88 -8.95 -35.78
N PHE C 124 -0.54 -8.07 -34.83
CA PHE C 124 0.85 -7.67 -34.67
C PHE C 124 1.68 -8.85 -34.15
N PRO C 125 2.93 -9.01 -34.62
CA PRO C 125 3.78 -10.11 -34.14
C PRO C 125 4.55 -9.76 -32.87
N PHE C 126 3.82 -9.74 -31.75
CA PHE C 126 4.44 -9.45 -30.46
C PHE C 126 5.30 -10.63 -30.01
N ILE C 127 6.47 -10.32 -29.46
CA ILE C 127 7.38 -11.34 -28.97
C ILE C 127 7.75 -11.02 -27.53
ZN ZN D . -13.11 -22.27 -3.28
ZN ZN E . 21.18 11.32 14.15
#